data_7YG4
#
_entry.id   7YG4
#
_cell.length_a   1.00
_cell.length_b   1.00
_cell.length_c   1.00
_cell.angle_alpha   90.00
_cell.angle_beta   90.00
_cell.angle_gamma   90.00
#
_symmetry.space_group_name_H-M   'P 1'
#
loop_
_entity.id
_entity.type
_entity.pdbx_description
1 polymer 'Protein virilizer homolog'
2 polymer 'Pre-mRNA-splicing regulator WTAP'
#
loop_
_entity_poly.entity_id
_entity_poly.type
_entity_poly.pdbx_seq_one_letter_code
_entity_poly.pdbx_strand_id
1 'polypeptide(L)'
;MASVKLTELLDLYREDRGAKWVTALEEIPSLIIKGLSYLQLKNTKQDSLGQLVDWTMQALNLQVALRQPIALNVRQLKAG
TKLVSSLAECGAQGVTGLLQAGVISGLFELLFADHVSSSLKLNAFKALDSVISMTEGMEAFLRGRQNEKSGYQKLLELIL
LDQTVRVVTAGSAILQKCHFYEVLSEIKRLGDHLAEKTSSLPNHSEPDHDTDAGLERTNPEYENEVEASMDMDLLESSNI
SEGEIERLINLLEEVFHLMETAPHTMIQQPVKSFPTMARITGPPERDDPYPVLFRYLHSHHFLELVTLLLSIPVTSAHPG
VLQATKDVLKFLAQSQKGLLFFMSEYEATNLLIRALCHFYDQDEEEGLQSDGVIDDAFALWLQDSTQTLQCITELFSHFQ
RCTASEETDHSDLLGTLHNLYLITFNPVGRSAVGHVFSLEKNLQSLITLMEYYSKEALGDSKSKKSVAYNYACILILVVV
QSSSDVQMLEQHAASLLKLCKADENNAKLQELGKWLEPLKNLRFEINCIPNLIEYVKQNIDNLMTPEGVGLTTALRVLCN
VACPPPPVEGQQKDLKWNLAVIQLFSAEGMDTFIRVLQKLNSILTQPWRLHVNMGTTLHRVTTISMARCTLTLLKTMLTE
LLRGGSFEFKDMRVPSALVTLHMLLCSIPLSGRLDSDEQKIQNDIIDILLTFTQGVNEKLTISEETLANNTWSLMLKEVL
SSILKVPEGFFSGLILLSELLPLPLPMQTTQVIEPHDISVALNTRKLWSMHLHVQAKLLQEIVRSFSGTTCQPIQHMLRR
ICVQLCDLASPTALLIMRTVLDLIVEDLQSTSEDKEKQYTSQTTRLLALLDALASHKACKLAILHLINGTIKGDERYAEI
FQDLLALVRSPGDSVIRQQCVEYVTSILQSLCDQDIALILPSSSEGSISELEQLSNSLPNKELMTSICDCLLATLANSES
SYNCLLTCVRTMMFLAEHDYGLFHLKSSLRKNSSALHSLLKRVVSTFSKDTGELASSFLEFMRQILNSDTIGCCGDDNGL
MEVEGAHTSRTMSINAAELKQLLQSKEESPENLFLELEKLVLEHSKDDDNLDSLLDSVVGLKQMLES
;
A
2 'polypeptide(L)'
;MHHHHHHHHHHSGDEVDAGSGHMTNEEPLPKKVRLSETDFKVMARDELILRWKQYEAYVQALEGKYTDLNSNDVTGLRES
EEKLKQQQQESARRENILVMRLATKEQEMQECTTQIQYLKQVQQPSVAQLRSTMVDPAINLFFLKMKGELEQTKDKLEQA
QNELSAWKFTPDSQTGKKLMAKCRMLIQENQELGRQLSQGRIAQLEAELALQKKYSEELKSSQDELNDFIIQLDEEVEGM
QSTILVLQQQLKETRQQLAQYQQQQSQASAPSTSRTTASEPVEQSEATSKDCSRL
;
B,E
#
# COMPACT_ATOMS: atom_id res chain seq x y z
N ALA A 2 29.45 4.96 -33.16
CA ALA A 2 30.01 5.09 -31.82
C ALA A 2 31.16 4.11 -31.61
N SER A 3 31.04 2.93 -32.22
CA SER A 3 32.09 1.92 -32.09
C SER A 3 33.39 2.38 -32.71
N VAL A 4 33.31 3.05 -33.87
CA VAL A 4 34.51 3.56 -34.52
C VAL A 4 35.19 4.61 -33.64
N LYS A 5 34.40 5.50 -33.04
CA LYS A 5 34.96 6.50 -32.15
C LYS A 5 35.63 5.86 -30.93
N LEU A 6 34.99 4.82 -30.37
CA LEU A 6 35.57 4.14 -29.21
C LEU A 6 36.91 3.50 -29.55
N THR A 7 37.02 2.90 -30.74
CA THR A 7 38.27 2.28 -31.14
C THR A 7 39.39 3.31 -31.26
N GLU A 8 39.09 4.47 -31.81
CA GLU A 8 40.11 5.51 -31.98
C GLU A 8 40.58 6.03 -30.62
N LEU A 9 39.65 6.25 -29.70
CA LEU A 9 40.02 6.75 -28.38
C LEU A 9 40.86 5.73 -27.62
N LEU A 10 40.49 4.46 -27.69
CA LEU A 10 41.18 3.43 -26.93
C LEU A 10 42.62 3.27 -27.40
N ASP A 11 42.84 3.30 -28.71
CA ASP A 11 44.18 3.10 -29.26
C ASP A 11 45.08 4.32 -29.06
N LEU A 12 44.49 5.52 -29.01
CA LEU A 12 45.30 6.73 -28.87
C LEU A 12 45.98 6.80 -27.51
N TYR A 13 45.26 6.47 -26.45
CA TYR A 13 45.75 6.58 -25.07
C TYR A 13 46.13 5.23 -24.49
N ARG A 14 46.74 4.37 -25.30
CA ARG A 14 47.14 3.05 -24.83
C ARG A 14 48.04 3.13 -23.61
N GLU A 15 48.94 4.12 -23.59
CA GLU A 15 49.85 4.31 -22.45
C GLU A 15 49.88 5.76 -21.98
N ASP A 16 48.95 6.60 -22.42
CA ASP A 16 48.96 8.02 -22.08
C ASP A 16 48.21 8.26 -20.77
N ARG A 17 48.86 8.94 -19.83
CA ARG A 17 48.26 9.30 -18.56
C ARG A 17 48.31 10.82 -18.39
N GLY A 18 47.24 11.38 -17.84
CA GLY A 18 47.16 12.81 -17.61
C GLY A 18 45.77 13.35 -17.94
N ALA A 19 45.75 14.63 -18.30
CA ALA A 19 44.48 15.31 -18.56
C ALA A 19 43.76 14.69 -19.76
N LYS A 20 44.50 14.35 -20.81
CA LYS A 20 43.89 13.71 -21.96
C LYS A 20 43.30 12.35 -21.59
N TRP A 21 44.02 11.59 -20.77
CA TRP A 21 43.51 10.29 -20.33
C TRP A 21 42.24 10.46 -19.51
N VAL A 22 42.20 11.45 -18.63
CA VAL A 22 41.00 11.68 -17.82
C VAL A 22 39.85 12.11 -18.70
N THR A 23 40.12 12.93 -19.72
CA THR A 23 39.06 13.33 -20.65
C THR A 23 38.51 12.12 -21.40
N ALA A 24 39.39 11.23 -21.84
CA ALA A 24 38.93 10.01 -22.51
C ALA A 24 38.10 9.15 -21.59
N LEU A 25 38.53 9.02 -20.33
CA LEU A 25 37.77 8.24 -19.36
C LEU A 25 36.39 8.83 -19.15
N GLU A 26 36.29 10.16 -19.08
CA GLU A 26 35.00 10.80 -18.90
C GLU A 26 34.11 10.65 -20.12
N GLU A 27 34.71 10.61 -21.31
CA GLU A 27 33.92 10.53 -22.54
C GLU A 27 33.47 9.11 -22.88
N ILE A 28 34.20 8.09 -22.45
CA ILE A 28 33.85 6.70 -22.81
C ILE A 28 32.43 6.32 -22.45
N PRO A 29 31.90 6.60 -21.25
CA PRO A 29 30.59 6.04 -20.88
C PRO A 29 29.47 6.38 -21.85
N SER A 30 29.53 7.54 -22.51
CA SER A 30 28.52 7.85 -23.52
C SER A 30 28.65 6.94 -24.72
N LEU A 31 29.88 6.62 -25.13
CA LEU A 31 30.09 5.81 -26.33
C LEU A 31 29.61 4.37 -26.14
N ILE A 32 29.83 3.81 -24.94
CA ILE A 32 29.52 2.40 -24.71
C ILE A 32 28.03 2.10 -24.78
N ILE A 33 27.18 3.12 -24.67
CA ILE A 33 25.74 2.90 -24.72
C ILE A 33 25.33 2.34 -26.08
N LYS A 34 25.85 2.92 -27.15
CA LYS A 34 25.52 2.47 -28.49
C LYS A 34 26.77 2.32 -29.35
N ASP A 47 39.86 -7.21 -29.19
CA ASP A 47 39.18 -7.34 -27.90
C ASP A 47 39.31 -6.06 -27.09
N SER A 48 38.36 -5.15 -27.28
CA SER A 48 38.39 -3.88 -26.55
C SER A 48 37.96 -4.05 -25.10
N LEU A 49 37.27 -5.14 -24.77
CA LEU A 49 36.81 -5.34 -23.41
C LEU A 49 37.98 -5.47 -22.44
N GLY A 50 39.02 -6.20 -22.84
CA GLY A 50 40.19 -6.34 -21.98
C GLY A 50 40.87 -5.02 -21.70
N GLN A 51 41.04 -4.19 -22.74
CA GLN A 51 41.65 -2.89 -22.55
C GLN A 51 40.77 -1.97 -21.70
N LEU A 52 39.45 -2.05 -21.88
CA LEU A 52 38.55 -1.25 -21.05
C LEU A 52 38.65 -1.68 -19.58
N VAL A 53 38.73 -2.99 -19.32
CA VAL A 53 38.87 -3.48 -17.95
C VAL A 53 40.20 -3.04 -17.36
N ASP A 54 41.28 -3.10 -18.15
CA ASP A 54 42.57 -2.63 -17.66
C ASP A 54 42.54 -1.14 -17.34
N TRP A 55 41.83 -0.36 -18.16
CA TRP A 55 41.68 1.06 -17.87
C TRP A 55 40.88 1.29 -16.59
N THR A 56 39.84 0.48 -16.37
CA THR A 56 38.99 0.69 -15.19
C THR A 56 39.75 0.48 -13.89
N MET A 57 40.63 -0.53 -13.86
CA MET A 57 41.37 -0.84 -12.64
C MET A 57 42.52 0.13 -12.39
N GLN A 58 42.93 0.91 -13.38
CA GLN A 58 43.92 1.95 -13.17
C GLN A 58 43.30 3.29 -12.77
N ALA A 59 42.02 3.50 -13.10
CA ALA A 59 41.33 4.70 -12.68
C ALA A 59 40.84 4.63 -11.25
N LEU A 60 40.87 3.46 -10.62
CA LEU A 60 40.45 3.26 -9.25
C LEU A 60 41.64 3.20 -8.29
N ASN A 61 42.84 3.50 -8.78
CA ASN A 61 44.06 3.34 -7.99
C ASN A 61 44.45 4.68 -7.39
N LEU A 62 44.54 4.74 -6.08
CA LEU A 62 44.98 5.95 -5.40
C LEU A 62 46.46 6.26 -5.67
N GLN A 63 47.27 5.26 -5.96
CA GLN A 63 48.68 5.49 -6.28
C GLN A 63 48.87 6.14 -7.64
N VAL A 64 47.82 6.20 -8.47
CA VAL A 64 47.88 6.87 -9.75
C VAL A 64 47.19 8.22 -9.63
N ALA A 65 46.18 8.31 -8.76
CA ALA A 65 45.52 9.58 -8.54
C ALA A 65 46.44 10.57 -7.84
N LEU A 66 47.29 10.10 -6.94
CA LEU A 66 48.19 10.99 -6.23
C LEU A 66 49.19 11.68 -7.15
N ARG A 67 49.56 11.07 -8.27
CA ARG A 67 50.60 11.58 -9.14
C ARG A 67 50.05 12.43 -10.29
N GLN A 68 48.96 13.16 -10.04
CA GLN A 68 48.34 14.00 -11.05
C GLN A 68 48.08 15.38 -10.46
N PRO A 69 48.02 16.41 -11.31
CA PRO A 69 47.91 17.79 -10.79
C PRO A 69 46.55 18.15 -10.22
N ILE A 70 46.38 19.44 -9.90
CA ILE A 70 45.17 19.91 -9.22
C ILE A 70 43.94 19.67 -10.08
N ALA A 71 42.85 19.27 -9.44
CA ALA A 71 41.53 19.03 -10.02
C ALA A 71 41.51 17.87 -11.00
N LEU A 72 42.66 17.26 -11.28
CA LEU A 72 42.74 16.12 -12.16
C LEU A 72 42.84 14.80 -11.41
N ASN A 73 43.00 14.83 -10.09
CA ASN A 73 43.23 13.64 -9.31
C ASN A 73 41.96 13.06 -8.70
N VAL A 74 40.97 13.90 -8.36
CA VAL A 74 39.69 13.39 -7.92
C VAL A 74 38.70 13.23 -9.07
N ARG A 75 39.03 13.73 -10.25
CA ARG A 75 38.24 13.43 -11.44
C ARG A 75 38.66 12.13 -12.10
N GLN A 76 39.84 11.62 -11.78
CA GLN A 76 40.22 10.29 -12.25
C GLN A 76 39.53 9.21 -11.43
N LEU A 77 39.38 9.43 -10.12
CA LEU A 77 38.73 8.44 -9.27
C LEU A 77 37.23 8.43 -9.46
N LYS A 78 36.62 9.60 -9.64
CA LYS A 78 35.18 9.66 -9.88
C LYS A 78 34.79 9.11 -11.24
N ALA A 79 35.69 9.17 -12.22
CA ALA A 79 35.43 8.62 -13.54
C ALA A 79 35.77 7.15 -13.67
N GLY A 80 36.41 6.56 -12.65
CA GLY A 80 36.68 5.14 -12.64
C GLY A 80 35.54 4.34 -12.06
N THR A 81 34.68 5.01 -11.30
CA THR A 81 33.49 4.37 -10.75
C THR A 81 32.28 4.50 -11.67
N LYS A 82 32.45 5.10 -12.85
CA LYS A 82 31.40 5.14 -13.85
C LYS A 82 31.67 4.19 -15.01
N LEU A 83 32.91 3.74 -15.18
CA LEU A 83 33.19 2.64 -16.07
C LEU A 83 32.75 1.30 -15.49
N VAL A 84 32.68 1.18 -14.16
CA VAL A 84 32.17 -0.02 -13.53
C VAL A 84 30.66 -0.13 -13.74
N SER A 85 29.94 0.98 -13.55
CA SER A 85 28.50 0.99 -13.72
C SER A 85 28.07 0.83 -15.17
N SER A 86 29.00 0.99 -16.12
CA SER A 86 28.70 0.84 -17.54
C SER A 86 29.18 -0.49 -18.11
N LEU A 87 30.33 -0.98 -17.66
CA LEU A 87 30.82 -2.27 -18.15
C LEU A 87 30.02 -3.43 -17.58
N ALA A 88 29.51 -3.29 -16.35
CA ALA A 88 28.76 -4.38 -15.74
C ALA A 88 27.39 -4.54 -16.38
N GLU A 89 26.74 -3.43 -16.74
CA GLU A 89 25.41 -3.50 -17.32
C GLU A 89 25.42 -4.01 -18.76
N CYS A 90 26.58 -4.09 -19.40
CA CYS A 90 26.63 -4.60 -20.76
C CYS A 90 26.20 -6.07 -20.82
N GLY A 91 26.66 -6.88 -19.88
CA GLY A 91 26.29 -8.28 -19.85
C GLY A 91 27.17 -9.05 -18.89
N ALA A 92 27.03 -10.38 -18.95
CA ALA A 92 27.83 -11.25 -18.11
C ALA A 92 29.30 -11.24 -18.51
N GLN A 93 29.58 -11.03 -19.80
CA GLN A 93 30.97 -10.99 -20.26
C GLN A 93 31.74 -9.84 -19.63
N GLY A 94 31.05 -8.79 -19.22
CA GLY A 94 31.70 -7.66 -18.57
C GLY A 94 31.87 -7.87 -17.08
N VAL A 95 30.84 -8.39 -16.42
CA VAL A 95 30.92 -8.62 -14.99
C VAL A 95 31.95 -9.69 -14.67
N THR A 96 32.05 -10.72 -15.51
CA THR A 96 33.06 -11.75 -15.30
C THR A 96 34.47 -11.17 -15.34
N GLY A 97 34.75 -10.31 -16.33
CA GLY A 97 36.05 -9.68 -16.41
C GLY A 97 36.31 -8.74 -15.25
N LEU A 98 35.29 -7.97 -14.85
CA LEU A 98 35.46 -7.06 -13.72
C LEU A 98 35.77 -7.81 -12.45
N LEU A 99 35.06 -8.92 -12.19
CA LEU A 99 35.32 -9.72 -11.00
C LEU A 99 36.69 -10.37 -11.06
N GLN A 100 37.10 -10.84 -12.25
CA GLN A 100 38.42 -11.44 -12.38
C GLN A 100 39.52 -10.42 -12.14
N ALA A 101 39.29 -9.16 -12.53
CA ALA A 101 40.28 -8.12 -12.32
C ALA A 101 40.39 -7.71 -10.86
N GLY A 102 39.34 -7.89 -10.07
CA GLY A 102 39.38 -7.55 -8.66
C GLY A 102 38.68 -6.25 -8.32
N VAL A 103 37.49 -6.04 -8.90
CA VAL A 103 36.76 -4.81 -8.62
C VAL A 103 36.22 -4.79 -7.20
N ILE A 104 35.90 -5.96 -6.63
CA ILE A 104 35.36 -6.00 -5.27
C ILE A 104 36.40 -5.52 -4.28
N SER A 105 37.63 -6.00 -4.41
CA SER A 105 38.69 -5.54 -3.52
C SER A 105 39.17 -4.14 -3.88
N GLY A 106 39.14 -3.78 -5.16
CA GLY A 106 39.57 -2.47 -5.59
C GLY A 106 38.66 -1.34 -5.19
N LEU A 107 37.38 -1.63 -4.97
CA LEU A 107 36.43 -0.63 -4.51
C LEU A 107 36.40 -0.50 -2.99
N PHE A 108 37.09 -1.37 -2.27
CA PHE A 108 37.18 -1.28 -0.82
C PHE A 108 38.46 -0.63 -0.33
N GLU A 109 39.47 -0.51 -1.20
CA GLU A 109 40.66 0.26 -0.86
C GLU A 109 40.41 1.76 -0.92
N LEU A 110 39.31 2.20 -1.54
CA LEU A 110 38.92 3.60 -1.51
C LEU A 110 38.03 3.94 -0.32
N LEU A 111 37.10 3.06 0.02
CA LEU A 111 36.24 3.30 1.18
C LEU A 111 36.99 3.21 2.49
N PHE A 112 37.99 2.33 2.58
CA PHE A 112 38.82 2.24 3.77
C PHE A 112 39.92 3.29 3.82
N ALA A 113 40.20 3.96 2.71
CA ALA A 113 41.29 4.92 2.68
C ALA A 113 40.94 6.16 3.51
N ASP A 114 41.99 6.86 3.93
CA ASP A 114 41.83 8.05 4.77
C ASP A 114 41.67 9.29 3.91
N HIS A 115 41.03 10.31 4.50
CA HIS A 115 40.83 11.63 3.93
C HIS A 115 39.93 11.63 2.69
N VAL A 116 39.32 10.51 2.35
CA VAL A 116 38.43 10.45 1.19
C VAL A 116 37.15 11.19 1.50
N SER A 117 36.71 12.05 0.58
CA SER A 117 35.48 12.80 0.78
C SER A 117 34.27 11.87 0.75
N SER A 118 33.18 12.32 1.36
CA SER A 118 31.98 11.51 1.45
C SER A 118 31.22 11.42 0.14
N SER A 119 31.58 12.23 -0.86
CA SER A 119 30.95 12.16 -2.17
C SER A 119 31.66 11.20 -3.11
N LEU A 120 32.89 10.82 -2.80
CA LEU A 120 33.60 9.80 -3.58
C LEU A 120 33.42 8.41 -2.98
N LYS A 121 33.30 8.31 -1.66
CA LYS A 121 32.89 7.05 -1.05
C LYS A 121 31.46 6.69 -1.45
N LEU A 122 30.60 7.70 -1.58
CA LEU A 122 29.21 7.46 -1.95
C LEU A 122 29.07 7.06 -3.41
N ASN A 123 30.07 7.33 -4.24
CA ASN A 123 30.07 6.89 -5.63
C ASN A 123 30.62 5.47 -5.78
N ALA A 124 31.55 5.07 -4.92
CA ALA A 124 32.09 3.72 -4.98
C ALA A 124 31.06 2.68 -4.58
N PHE A 125 30.11 3.06 -3.71
CA PHE A 125 29.02 2.15 -3.38
C PHE A 125 28.13 1.88 -4.58
N LYS A 126 27.87 2.92 -5.39
CA LYS A 126 27.02 2.75 -6.56
C LYS A 126 27.68 1.87 -7.61
N ALA A 127 29.00 1.89 -7.71
CA ALA A 127 29.70 0.99 -8.61
C ALA A 127 29.61 -0.45 -8.11
N LEU A 128 29.63 -0.66 -6.80
CA LEU A 128 29.51 -2.00 -6.23
C LEU A 128 28.08 -2.52 -6.32
N ASP A 129 27.09 -1.63 -6.21
CA ASP A 129 25.70 -2.07 -6.33
C ASP A 129 25.40 -2.62 -7.71
N SER A 130 26.11 -2.15 -8.73
CA SER A 130 25.93 -2.63 -10.09
C SER A 130 26.70 -3.90 -10.40
N VAL A 131 27.59 -4.33 -9.50
CA VAL A 131 28.34 -5.55 -9.68
C VAL A 131 27.66 -6.74 -9.02
N ILE A 132 27.11 -6.55 -7.83
CA ILE A 132 26.44 -7.62 -7.11
C ILE A 132 24.98 -7.71 -7.53
N SER A 133 24.63 -6.97 -8.59
CA SER A 133 23.28 -7.03 -9.16
C SER A 133 23.11 -8.17 -10.14
N MET A 134 24.16 -8.94 -10.41
CA MET A 134 24.05 -10.14 -11.22
C MET A 134 24.57 -11.34 -10.42
N THR A 135 24.01 -12.51 -10.72
CA THR A 135 24.27 -13.69 -9.88
C THR A 135 25.74 -14.06 -9.88
N GLU A 136 26.47 -13.74 -10.94
CA GLU A 136 27.91 -13.95 -10.92
C GLU A 136 28.59 -13.04 -9.91
N GLY A 137 28.00 -11.89 -9.61
CA GLY A 137 28.57 -10.93 -8.69
C GLY A 137 28.31 -11.24 -7.23
N MET A 138 27.05 -11.53 -6.88
CA MET A 138 26.75 -11.81 -5.49
C MET A 138 27.35 -13.10 -4.98
N GLU A 139 27.66 -14.04 -5.88
CA GLU A 139 28.37 -15.25 -5.45
C GLU A 139 29.78 -14.90 -4.96
N ALA A 140 30.46 -13.99 -5.65
CA ALA A 140 31.79 -13.58 -5.24
C ALA A 140 31.76 -12.61 -4.05
N PHE A 141 30.70 -11.82 -3.92
CA PHE A 141 30.60 -10.90 -2.79
C PHE A 141 30.49 -11.66 -1.48
N LEU A 142 29.65 -12.70 -1.45
CA LEU A 142 29.42 -13.45 -0.22
C LEU A 142 30.53 -14.47 0.02
N ARG A 143 30.73 -15.38 -0.92
CA ARG A 143 31.81 -16.35 -0.79
C ARG A 143 33.12 -15.72 -1.22
N GLY A 144 34.11 -15.76 -0.32
CA GLY A 144 35.37 -15.09 -0.60
C GLY A 144 36.08 -15.69 -1.80
N ARG A 145 36.93 -14.88 -2.41
CA ARG A 145 37.67 -15.29 -3.59
C ARG A 145 38.76 -16.30 -3.23
N GLU A 148 41.18 -15.42 2.04
CA GLU A 148 40.97 -14.00 1.80
C GLU A 148 39.59 -13.57 2.26
N LYS A 149 39.51 -12.42 2.91
CA LYS A 149 38.24 -11.92 3.42
C LYS A 149 37.31 -11.55 2.28
N SER A 150 36.04 -11.91 2.44
CA SER A 150 35.04 -11.59 1.43
C SER A 150 34.63 -10.12 1.53
N GLY A 151 33.84 -9.68 0.56
CA GLY A 151 33.32 -8.32 0.61
C GLY A 151 32.28 -8.12 1.68
N TYR A 152 31.56 -9.19 2.05
CA TYR A 152 30.55 -9.08 3.09
C TYR A 152 31.18 -8.73 4.44
N GLN A 153 32.26 -9.42 4.79
CA GLN A 153 32.95 -9.13 6.04
C GLN A 153 33.53 -7.72 6.04
N LYS A 154 34.11 -7.31 4.91
CA LYS A 154 34.68 -5.97 4.81
C LYS A 154 33.60 -4.91 4.99
N LEU A 155 32.44 -5.10 4.38
CA LEU A 155 31.35 -4.15 4.56
C LEU A 155 30.85 -4.16 6.01
N LEU A 156 30.82 -5.34 6.64
CA LEU A 156 30.40 -5.41 8.03
C LEU A 156 31.33 -4.59 8.93
N GLU A 157 32.65 -4.71 8.71
CA GLU A 157 33.58 -3.88 9.47
C GLU A 157 33.43 -2.41 9.13
N LEU A 158 33.15 -2.10 7.86
CA LEU A 158 33.01 -0.71 7.45
C LEU A 158 31.80 -0.04 8.11
N ILE A 159 30.74 -0.80 8.36
CA ILE A 159 29.58 -0.24 9.05
C ILE A 159 29.96 0.23 10.45
N LEU A 160 30.82 -0.52 11.14
CA LEU A 160 31.19 -0.16 12.51
C LEU A 160 31.92 1.18 12.56
N LEU A 161 32.77 1.45 11.59
CA LEU A 161 33.49 2.70 11.55
C LEU A 161 32.52 3.88 11.41
N ASP A 162 32.87 4.99 12.04
CA ASP A 162 32.00 6.17 12.02
C ASP A 162 31.97 6.77 10.62
N GLN A 163 30.76 6.94 10.09
CA GLN A 163 30.55 7.51 8.77
C GLN A 163 29.45 8.56 8.85
N THR A 164 29.22 9.26 7.75
CA THR A 164 28.21 10.30 7.70
C THR A 164 26.83 9.66 7.52
N VAL A 165 25.81 10.51 7.37
CA VAL A 165 24.44 10.00 7.31
C VAL A 165 24.18 9.24 6.02
N ARG A 166 24.75 9.71 4.91
CA ARG A 166 24.47 9.10 3.61
C ARG A 166 25.33 7.88 3.31
N VAL A 167 26.41 7.67 4.06
CA VAL A 167 27.27 6.52 3.82
C VAL A 167 26.80 5.30 4.62
N VAL A 168 26.21 5.52 5.80
CA VAL A 168 25.62 4.41 6.53
C VAL A 168 24.31 3.97 5.89
N THR A 169 23.69 4.84 5.09
CA THR A 169 22.46 4.47 4.40
C THR A 169 22.73 3.74 3.09
N ALA A 170 23.81 4.12 2.40
CA ALA A 170 24.17 3.44 1.16
C ALA A 170 24.74 2.05 1.41
N GLY A 171 25.43 1.85 2.52
CA GLY A 171 25.97 0.55 2.85
C GLY A 171 24.92 -0.40 3.38
N SER A 172 23.80 0.15 3.84
CA SER A 172 22.69 -0.67 4.31
C SER A 172 21.91 -1.27 3.16
N ALA A 173 21.82 -0.57 2.03
CA ALA A 173 21.13 -1.11 0.87
C ALA A 173 21.83 -2.33 0.31
N ILE A 174 23.17 -2.34 0.31
CA ILE A 174 23.90 -3.52 -0.13
C ILE A 174 23.67 -4.67 0.83
N LEU A 175 23.56 -4.39 2.12
CA LEU A 175 23.30 -5.43 3.11
C LEU A 175 21.91 -6.02 2.96
N GLN A 176 20.91 -5.17 2.71
CA GLN A 176 19.55 -5.67 2.56
C GLN A 176 19.38 -6.46 1.27
N LYS A 177 20.12 -6.12 0.22
CA LYS A 177 20.10 -6.91 -1.01
C LYS A 177 20.74 -8.27 -0.81
N CYS A 178 21.76 -8.35 0.03
CA CYS A 178 22.41 -9.63 0.31
C CYS A 178 21.51 -10.55 1.12
N HIS A 179 20.64 -9.99 1.96
CA HIS A 179 19.72 -10.80 2.73
C HIS A 179 18.73 -11.53 1.83
N PHE A 180 18.23 -10.85 0.80
CA PHE A 180 17.26 -11.46 -0.11
C PHE A 180 17.87 -12.65 -0.84
N TYR A 181 19.16 -12.56 -1.18
CA TYR A 181 19.81 -13.68 -1.85
C TYR A 181 19.99 -14.86 -0.91
N GLU A 182 20.07 -14.62 0.40
CA GLU A 182 20.27 -15.69 1.37
C GLU A 182 18.97 -16.21 1.97
N VAL A 183 17.83 -15.62 1.65
CA VAL A 183 16.56 -16.25 1.99
C VAL A 183 16.09 -17.17 0.88
N LEU A 184 16.49 -16.91 -0.36
CA LEU A 184 16.18 -17.80 -1.48
C LEU A 184 17.06 -19.03 -1.47
N SER A 185 18.28 -18.93 -0.94
CA SER A 185 19.18 -20.08 -0.90
C SER A 185 18.74 -21.10 0.14
N GLU A 186 18.23 -20.65 1.28
CA GLU A 186 17.77 -21.57 2.31
C GLU A 186 16.44 -22.22 1.94
N ILE A 187 15.59 -21.51 1.18
CA ILE A 187 14.34 -22.11 0.72
C ILE A 187 14.63 -23.30 -0.18
N LYS A 188 15.61 -23.15 -1.09
CA LYS A 188 15.94 -24.23 -2.00
C LYS A 188 16.45 -25.45 -1.26
N ARG A 189 17.36 -25.24 -0.31
CA ARG A 189 17.89 -26.36 0.47
C ARG A 189 16.79 -27.02 1.29
N LEU A 190 15.95 -26.21 1.94
CA LEU A 190 14.88 -26.74 2.77
C LEU A 190 13.90 -27.55 1.94
N GLY A 191 13.51 -27.04 0.78
CA GLY A 191 12.58 -27.77 -0.06
C GLY A 191 13.17 -29.06 -0.61
N ASP A 192 14.42 -29.00 -1.06
CA ASP A 192 15.06 -30.21 -1.59
C ASP A 192 15.18 -31.28 -0.50
N HIS A 193 15.53 -30.88 0.72
CA HIS A 193 15.60 -31.84 1.81
C HIS A 193 14.23 -32.34 2.22
N LEU A 194 13.20 -31.48 2.14
CA LEU A 194 11.86 -31.87 2.54
C LEU A 194 11.25 -32.87 1.58
N ALA A 195 11.37 -32.62 0.29
CA ALA A 195 10.69 -33.46 -0.69
C ALA A 195 11.51 -34.68 -1.07
N GLU A 196 12.76 -34.48 -1.52
CA GLU A 196 13.55 -35.59 -2.04
C GLU A 196 13.89 -36.60 -0.96
N LYS A 197 14.26 -36.12 0.24
CA LYS A 197 14.82 -37.03 1.24
C LYS A 197 13.72 -37.77 2.00
N THR A 198 12.89 -37.04 2.74
CA THR A 198 11.89 -37.69 3.59
C THR A 198 10.78 -38.32 2.76
N SER A 199 10.27 -37.58 1.78
CA SER A 199 9.20 -38.08 0.93
C SER A 199 9.73 -38.58 -0.40
N SER A 238 7.49 -38.21 11.08
CA SER A 238 8.92 -38.33 10.82
C SER A 238 9.58 -36.96 10.77
N ASN A 239 10.47 -36.78 9.79
CA ASN A 239 11.09 -35.48 9.58
C ASN A 239 10.08 -34.46 9.07
N ILE A 240 8.97 -34.92 8.50
CA ILE A 240 7.90 -34.02 8.05
C ILE A 240 7.00 -33.76 9.26
N SER A 241 7.44 -32.80 10.06
CA SER A 241 6.73 -32.40 11.27
C SER A 241 6.35 -30.92 11.18
N GLU A 242 5.58 -30.47 12.16
CA GLU A 242 5.17 -29.07 12.21
C GLU A 242 6.30 -28.14 12.61
N GLY A 243 7.38 -28.66 13.18
CA GLY A 243 8.55 -27.86 13.46
C GLY A 243 9.44 -27.60 12.28
N GLU A 244 9.16 -28.25 11.15
CA GLU A 244 9.93 -28.07 9.92
C GLU A 244 9.11 -27.37 8.84
N ILE A 245 7.82 -27.68 8.72
CA ILE A 245 6.97 -26.97 7.78
C ILE A 245 6.84 -25.52 8.19
N GLU A 246 6.81 -25.24 9.50
CA GLU A 246 6.66 -23.88 9.98
C GLU A 246 7.79 -22.97 9.49
N ARG A 247 8.97 -23.55 9.26
CA ARG A 247 10.05 -22.78 8.66
C ARG A 247 9.72 -22.40 7.23
N LEU A 248 9.12 -23.33 6.47
CA LEU A 248 8.81 -23.05 5.07
C LEU A 248 7.82 -21.90 4.94
N ILE A 249 6.78 -21.89 5.78
CA ILE A 249 5.84 -20.78 5.77
C ILE A 249 6.51 -19.50 6.25
N ASN A 250 7.42 -19.63 7.22
CA ASN A 250 8.15 -18.45 7.71
C ASN A 250 9.12 -17.92 6.67
N LEU A 251 9.77 -18.80 5.91
CA LEU A 251 10.68 -18.35 4.87
C LEU A 251 9.93 -17.74 3.70
N LEU A 252 8.76 -18.28 3.35
CA LEU A 252 8.00 -17.78 2.22
C LEU A 252 7.29 -16.47 2.52
N GLU A 253 7.18 -16.08 3.78
CA GLU A 253 6.68 -14.76 4.13
C GLU A 253 7.78 -13.71 4.14
N GLU A 254 9.04 -14.13 4.07
CA GLU A 254 10.15 -13.18 3.94
C GLU A 254 10.36 -12.78 2.49
N VAL A 255 10.18 -13.72 1.56
CA VAL A 255 10.29 -13.39 0.14
C VAL A 255 9.23 -12.38 -0.25
N PHE A 256 8.01 -12.56 0.25
CA PHE A 256 6.96 -11.59 -0.02
C PHE A 256 7.20 -10.26 0.69
N HIS A 257 8.00 -10.26 1.76
CA HIS A 257 8.28 -9.02 2.47
C HIS A 257 9.48 -8.27 1.91
N LEU A 258 10.48 -8.99 1.41
CA LEU A 258 11.67 -8.35 0.86
C LEU A 258 11.47 -7.86 -0.56
N MET A 259 10.35 -8.20 -1.21
CA MET A 259 10.03 -7.67 -2.53
C MET A 259 9.01 -6.55 -2.48
N GLU A 260 8.16 -6.51 -1.47
CA GLU A 260 7.24 -5.38 -1.31
C GLU A 260 7.97 -4.11 -0.88
N THR A 261 8.99 -4.25 -0.04
CA THR A 261 9.79 -3.13 0.44
C THR A 261 11.07 -2.93 -0.36
N ALA A 262 11.28 -3.70 -1.42
CA ALA A 262 12.50 -3.59 -2.21
C ALA A 262 12.73 -2.20 -2.80
N PRO A 263 11.74 -1.51 -3.36
CA PRO A 263 12.03 -0.20 -3.97
C PRO A 263 12.55 0.83 -3.00
N HIS A 264 12.36 0.64 -1.69
CA HIS A 264 12.73 1.66 -0.73
C HIS A 264 13.97 1.31 0.09
N THR A 265 14.22 0.03 0.35
CA THR A 265 15.32 -0.38 1.19
C THR A 265 16.39 -1.17 0.44
N MET A 266 16.33 -1.20 -0.89
CA MET A 266 17.30 -1.98 -1.67
C MET A 266 17.81 -1.24 -2.90
N ILE A 267 17.60 0.08 -2.98
CA ILE A 267 18.09 0.87 -4.10
C ILE A 267 19.12 1.86 -3.59
N GLN A 268 19.94 2.36 -4.52
CA GLN A 268 20.95 3.36 -4.21
C GLN A 268 20.42 4.74 -4.57
N GLN A 269 20.27 5.58 -3.55
CA GLN A 269 19.72 6.91 -3.76
C GLN A 269 20.74 7.82 -4.44
N PRO A 270 20.29 8.93 -5.04
CA PRO A 270 21.22 9.87 -5.66
C PRO A 270 22.19 10.43 -4.63
N VAL A 271 23.32 10.94 -5.13
CA VAL A 271 24.38 11.43 -4.25
C VAL A 271 23.91 12.64 -3.46
N LYS A 272 22.99 13.42 -4.00
CA LYS A 272 22.51 14.63 -3.34
C LYS A 272 21.18 14.42 -2.63
N SER A 273 20.95 13.25 -2.06
CA SER A 273 19.73 12.92 -1.35
C SER A 273 20.06 12.49 0.07
N PHE A 274 19.27 12.98 1.03
CA PHE A 274 19.50 12.74 2.46
C PHE A 274 18.37 11.90 3.05
N PRO A 275 18.70 11.00 3.99
CA PRO A 275 17.68 10.09 4.53
C PRO A 275 16.72 10.77 5.49
N THR A 276 15.81 11.58 4.98
CA THR A 276 14.78 12.21 5.77
C THR A 276 13.45 11.52 5.53
N MET A 277 12.58 11.52 6.54
CA MET A 277 11.28 10.86 6.39
C MET A 277 10.37 11.59 5.41
N ALA A 278 10.67 12.84 5.06
CA ALA A 278 9.95 13.54 4.00
C ALA A 278 10.95 13.91 2.92
N ARG A 279 10.64 13.56 1.68
CA ARG A 279 11.59 13.70 0.59
C ARG A 279 11.73 15.15 0.13
N ILE A 280 12.86 15.77 0.47
CA ILE A 280 13.20 17.11 0.00
C ILE A 280 14.67 17.11 -0.41
N THR A 281 15.03 18.07 -1.26
CA THR A 281 16.41 18.30 -1.67
C THR A 281 17.01 17.05 -2.32
N GLY A 282 16.47 16.72 -3.48
CA GLY A 282 16.99 15.62 -4.27
C GLY A 282 16.37 15.54 -5.65
N PRO A 283 17.04 14.86 -6.57
CA PRO A 283 16.44 14.62 -7.87
C PRO A 283 15.20 13.77 -7.73
N PRO A 284 14.18 14.01 -8.58
CA PRO A 284 12.93 13.24 -8.43
C PRO A 284 13.03 11.80 -8.91
N GLU A 285 13.93 11.50 -9.84
CA GLU A 285 13.99 10.17 -10.41
C GLU A 285 14.57 9.17 -9.41
N ARG A 286 14.36 7.89 -9.70
CA ARG A 286 14.84 6.80 -8.86
C ARG A 286 15.20 5.63 -9.77
N ASP A 287 15.36 4.45 -9.18
CA ASP A 287 15.74 3.26 -9.92
C ASP A 287 14.80 2.12 -9.56
N ASP A 288 14.63 1.20 -10.52
CA ASP A 288 13.71 0.07 -10.35
C ASP A 288 14.49 -1.18 -9.99
N PRO A 289 14.27 -1.76 -8.81
CA PRO A 289 15.05 -2.93 -8.40
C PRO A 289 14.53 -4.27 -8.90
N TYR A 290 13.33 -4.31 -9.47
CA TYR A 290 12.64 -5.54 -9.82
C TYR A 290 13.35 -6.38 -10.87
N PRO A 291 13.96 -5.81 -11.92
CA PRO A 291 14.72 -6.66 -12.84
C PRO A 291 15.80 -7.49 -12.16
N VAL A 292 16.51 -6.92 -11.18
CA VAL A 292 17.51 -7.68 -10.45
C VAL A 292 16.87 -8.79 -9.64
N LEU A 293 15.73 -8.50 -8.99
CA LEU A 293 15.07 -9.51 -8.19
C LEU A 293 14.60 -10.67 -9.05
N PHE A 294 14.02 -10.37 -10.21
CA PHE A 294 13.65 -11.44 -11.14
C PHE A 294 14.86 -12.15 -11.71
N ARG A 295 16.01 -11.49 -11.76
CA ARG A 295 17.24 -12.18 -12.16
C ARG A 295 17.71 -13.15 -11.09
N TYR A 296 17.48 -12.84 -9.81
CA TYR A 296 17.83 -13.78 -8.75
C TYR A 296 16.84 -14.94 -8.68
N LEU A 297 15.55 -14.65 -8.86
CA LEU A 297 14.54 -15.71 -8.81
C LEU A 297 14.72 -16.70 -9.95
N HIS A 298 15.09 -16.22 -11.14
CA HIS A 298 15.33 -17.12 -12.26
C HIS A 298 16.53 -18.02 -11.99
N SER A 299 17.57 -17.49 -11.37
CA SER A 299 18.78 -18.27 -11.14
C SER A 299 18.57 -19.35 -10.08
N HIS A 300 17.65 -19.14 -9.16
CA HIS A 300 17.37 -20.10 -8.10
C HIS A 300 16.29 -21.10 -8.48
N HIS A 301 15.70 -20.98 -9.67
CA HIS A 301 14.61 -21.84 -10.11
C HIS A 301 13.45 -21.82 -9.11
N PHE A 302 12.87 -20.63 -8.95
CA PHE A 302 11.78 -20.47 -8.00
C PHE A 302 10.53 -21.23 -8.45
N LEU A 303 10.18 -21.14 -9.73
CA LEU A 303 8.95 -21.77 -10.20
C LEU A 303 9.08 -23.29 -10.24
N GLU A 304 10.27 -23.81 -10.51
CA GLU A 304 10.49 -25.24 -10.49
C GLU A 304 10.45 -25.82 -9.08
N LEU A 305 10.41 -24.98 -8.05
CA LEU A 305 10.33 -25.44 -6.67
C LEU A 305 8.97 -25.24 -6.04
N VAL A 306 8.25 -24.17 -6.41
CA VAL A 306 6.88 -24.01 -5.95
C VAL A 306 6.02 -25.17 -6.45
N THR A 307 6.27 -25.63 -7.67
CA THR A 307 5.60 -26.82 -8.17
C THR A 307 5.95 -28.04 -7.34
N LEU A 308 7.15 -28.09 -6.78
CA LEU A 308 7.54 -29.22 -5.94
C LEU A 308 6.79 -29.22 -4.62
N LEU A 309 6.56 -28.04 -4.04
CA LEU A 309 5.83 -27.95 -2.79
C LEU A 309 4.35 -28.22 -2.95
N LEU A 310 3.80 -28.01 -4.15
CA LEU A 310 2.38 -28.24 -4.42
C LEU A 310 2.13 -29.62 -5.00
N SER A 311 3.17 -30.45 -5.13
CA SER A 311 3.06 -31.78 -5.74
C SER A 311 3.80 -32.80 -4.90
N ILE A 312 3.65 -32.72 -3.58
CA ILE A 312 4.29 -33.67 -2.68
C ILE A 312 3.20 -34.10 -1.70
N PRO A 313 3.19 -35.34 -1.22
CA PRO A 313 2.06 -35.80 -0.38
C PRO A 313 1.81 -34.95 0.86
N VAL A 314 2.85 -34.42 1.50
CA VAL A 314 2.67 -33.84 2.83
C VAL A 314 2.19 -32.39 2.79
N THR A 315 2.96 -31.49 2.17
CA THR A 315 2.66 -30.07 2.31
C THR A 315 1.75 -29.52 1.22
N SER A 316 1.42 -30.31 0.20
CA SER A 316 0.43 -29.87 -0.76
C SER A 316 -0.94 -29.71 -0.11
N ALA A 317 -1.33 -30.67 0.72
CA ALA A 317 -2.60 -30.63 1.41
C ALA A 317 -2.63 -29.59 2.52
N HIS A 318 -1.48 -29.06 2.92
CA HIS A 318 -1.44 -28.07 3.99
C HIS A 318 -2.05 -26.76 3.50
N PRO A 319 -3.06 -26.21 4.19
CA PRO A 319 -3.68 -24.96 3.74
C PRO A 319 -2.83 -23.73 3.98
N GLY A 320 -1.84 -23.79 4.87
CA GLY A 320 -0.99 -22.64 5.11
C GLY A 320 0.14 -22.48 4.13
N VAL A 321 0.51 -23.55 3.43
CA VAL A 321 1.54 -23.46 2.40
C VAL A 321 0.96 -23.09 1.05
N LEU A 322 -0.27 -23.56 0.77
CA LEU A 322 -0.95 -23.14 -0.45
C LEU A 322 -1.21 -21.64 -0.45
N GLN A 323 -1.63 -21.09 0.69
CA GLN A 323 -1.91 -19.67 0.77
C GLN A 323 -0.62 -18.84 0.72
N ALA A 324 0.44 -19.34 1.38
CA ALA A 324 1.69 -18.58 1.42
C ALA A 324 2.29 -18.44 0.04
N THR A 325 2.30 -19.52 -0.74
CA THR A 325 2.92 -19.50 -2.06
C THR A 325 2.07 -18.81 -3.11
N LYS A 326 0.78 -18.62 -2.86
CA LYS A 326 -0.10 -17.93 -3.80
C LYS A 326 -0.08 -16.42 -3.60
N ASP A 327 0.54 -15.93 -2.53
CA ASP A 327 0.68 -14.50 -2.33
C ASP A 327 1.92 -13.95 -3.00
N VAL A 328 2.97 -14.77 -3.13
CA VAL A 328 4.13 -14.39 -3.92
C VAL A 328 3.78 -14.36 -5.40
N LEU A 329 3.02 -15.36 -5.86
CA LEU A 329 2.66 -15.44 -7.27
C LEU A 329 1.68 -14.34 -7.65
N LYS A 330 0.76 -13.99 -6.76
CA LYS A 330 -0.17 -12.90 -7.05
C LYS A 330 0.56 -11.57 -7.20
N PHE A 331 1.52 -11.29 -6.31
CA PHE A 331 2.28 -10.04 -6.40
C PHE A 331 3.14 -10.02 -7.65
N LEU A 332 3.73 -11.16 -8.01
CA LEU A 332 4.68 -11.22 -9.11
C LEU A 332 4.01 -11.00 -10.46
N ALA A 333 2.70 -11.21 -10.56
CA ALA A 333 2.00 -11.14 -11.84
C ALA A 333 1.25 -9.83 -12.04
N GLN A 334 1.50 -8.83 -11.20
CA GLN A 334 0.81 -7.54 -11.31
C GLN A 334 1.60 -6.53 -12.13
N SER A 335 2.72 -6.91 -12.73
CA SER A 335 3.56 -5.99 -13.47
C SER A 335 3.91 -6.59 -14.82
N GLN A 336 4.26 -5.71 -15.76
CA GLN A 336 4.65 -6.17 -17.08
C GLN A 336 5.93 -7.00 -17.03
N LYS A 337 6.88 -6.58 -16.20
CA LYS A 337 8.10 -7.36 -16.02
C LYS A 337 7.80 -8.71 -15.39
N GLY A 338 6.90 -8.73 -14.40
CA GLY A 338 6.54 -10.00 -13.78
C GLY A 338 5.80 -10.94 -14.70
N LEU A 339 4.87 -10.41 -15.50
CA LEU A 339 4.16 -11.24 -16.47
C LEU A 339 5.11 -11.77 -17.53
N LEU A 340 6.06 -10.94 -17.97
CA LEU A 340 7.06 -11.40 -18.92
C LEU A 340 8.00 -12.43 -18.31
N PHE A 341 8.15 -12.41 -16.97
CA PHE A 341 8.96 -13.42 -16.30
C PHE A 341 8.34 -14.81 -16.45
N PHE A 342 7.00 -14.89 -16.38
CA PHE A 342 6.31 -16.16 -16.52
C PHE A 342 6.48 -16.76 -17.92
N MET A 343 6.52 -15.93 -18.96
CA MET A 343 6.62 -16.41 -20.33
C MET A 343 8.05 -16.70 -20.76
N SER A 344 9.06 -16.27 -20.00
CA SER A 344 10.43 -16.57 -20.36
C SER A 344 10.69 -18.07 -20.30
N GLU A 345 10.37 -18.69 -19.16
CA GLU A 345 10.35 -20.15 -19.04
C GLU A 345 8.89 -20.61 -19.14
N TYR A 346 8.38 -20.59 -20.36
CA TYR A 346 6.97 -20.90 -20.59
C TYR A 346 6.65 -22.36 -20.30
N GLU A 347 7.63 -23.25 -20.37
CA GLU A 347 7.38 -24.66 -20.07
C GLU A 347 7.05 -24.87 -18.60
N ALA A 348 7.78 -24.19 -17.71
CA ALA A 348 7.57 -24.36 -16.28
C ALA A 348 6.32 -23.66 -15.78
N THR A 349 5.78 -22.71 -16.53
CA THR A 349 4.56 -22.03 -16.10
C THR A 349 3.35 -22.92 -16.27
N ASN A 350 3.30 -23.72 -17.33
CA ASN A 350 2.16 -24.60 -17.56
C ASN A 350 2.07 -25.66 -16.47
N LEU A 351 3.21 -26.25 -16.09
CA LEU A 351 3.21 -27.27 -15.04
C LEU A 351 2.74 -26.67 -13.72
N LEU A 352 3.15 -25.44 -13.43
CA LEU A 352 2.69 -24.77 -12.22
C LEU A 352 1.18 -24.55 -12.26
N ILE A 353 0.64 -24.20 -13.43
CA ILE A 353 -0.80 -24.02 -13.57
C ILE A 353 -1.52 -25.33 -13.30
N ARG A 354 -1.02 -26.43 -13.85
CA ARG A 354 -1.63 -27.73 -13.60
C ARG A 354 -1.57 -28.09 -12.12
N ALA A 355 -0.41 -27.86 -11.48
CA ALA A 355 -0.25 -28.21 -10.07
C ALA A 355 -1.20 -27.40 -9.20
N LEU A 356 -1.35 -26.11 -9.50
CA LEU A 356 -2.28 -25.28 -8.74
C LEU A 356 -3.73 -25.63 -9.05
N CYS A 357 -3.98 -26.21 -10.23
CA CYS A 357 -5.35 -26.44 -10.67
C CYS A 357 -5.92 -27.79 -10.23
N HIS A 358 -5.10 -28.83 -10.12
CA HIS A 358 -5.69 -30.15 -9.86
C HIS A 358 -6.26 -30.27 -8.45
N PHE A 359 -6.00 -29.31 -7.58
CA PHE A 359 -6.51 -29.34 -6.21
C PHE A 359 -8.03 -29.39 -6.19
N ASP A 376 -9.61 -18.78 -5.90
CA ASP A 376 -9.95 -20.10 -6.40
C ASP A 376 -9.73 -20.18 -7.91
N ALA A 377 -9.87 -19.05 -8.59
CA ALA A 377 -9.69 -18.96 -10.03
C ALA A 377 -8.37 -18.33 -10.41
N PHE A 378 -7.33 -18.52 -9.58
CA PHE A 378 -6.03 -17.92 -9.88
C PHE A 378 -5.39 -18.57 -11.10
N ALA A 379 -5.54 -19.88 -11.26
CA ALA A 379 -4.95 -20.56 -12.41
C ALA A 379 -5.56 -20.10 -13.71
N LEU A 380 -6.90 -19.98 -13.76
CA LEU A 380 -7.56 -19.51 -14.97
C LEU A 380 -7.16 -18.07 -15.29
N TRP A 381 -7.09 -17.22 -14.28
CA TRP A 381 -6.68 -15.84 -14.49
C TRP A 381 -5.25 -15.76 -15.01
N LEU A 382 -4.35 -16.58 -14.46
CA LEU A 382 -2.97 -16.59 -14.94
C LEU A 382 -2.89 -17.06 -16.38
N GLN A 383 -3.66 -18.10 -16.74
CA GLN A 383 -3.67 -18.58 -18.12
C GLN A 383 -4.17 -17.50 -19.07
N ASP A 384 -5.26 -16.81 -18.69
CA ASP A 384 -5.80 -15.76 -19.54
C ASP A 384 -4.81 -14.61 -19.70
N SER A 385 -4.15 -14.22 -18.61
CA SER A 385 -3.19 -13.13 -18.68
C SER A 385 -2.00 -13.48 -19.58
N THR A 386 -1.48 -14.70 -19.45
CA THR A 386 -0.36 -15.10 -20.29
C THR A 386 -0.76 -15.18 -21.76
N GLN A 387 -1.94 -15.72 -22.06
CA GLN A 387 -2.40 -15.75 -23.45
C GLN A 387 -2.59 -14.35 -24.00
N THR A 388 -3.15 -13.44 -23.20
CA THR A 388 -3.35 -12.07 -23.64
C THR A 388 -2.02 -11.39 -23.94
N LEU A 389 -1.03 -11.57 -23.07
CA LEU A 389 0.28 -10.97 -23.32
C LEU A 389 0.92 -11.54 -24.58
N GLN A 390 0.78 -12.85 -24.79
CA GLN A 390 1.33 -13.45 -26.01
C GLN A 390 0.66 -12.87 -27.25
N CYS A 391 -0.66 -12.71 -27.21
CA CYS A 391 -1.37 -12.15 -28.36
C CYS A 391 -0.97 -10.69 -28.60
N ILE A 392 -0.76 -9.92 -27.53
CA ILE A 392 -0.34 -8.54 -27.68
C ILE A 392 1.05 -8.46 -28.31
N THR A 393 1.97 -9.33 -27.86
CA THR A 393 3.30 -9.35 -28.46
C THR A 393 3.23 -9.73 -29.93
N GLU A 394 2.36 -10.70 -30.27
CA GLU A 394 2.18 -11.05 -31.67
C GLU A 394 1.64 -9.89 -32.49
N LEU A 395 0.69 -9.14 -31.92
CA LEU A 395 0.14 -7.98 -32.61
C LEU A 395 1.20 -6.92 -32.86
N PHE A 396 2.03 -6.63 -31.86
CA PHE A 396 3.11 -5.67 -32.07
C PHE A 396 4.12 -6.18 -33.09
N SER A 397 4.40 -7.48 -33.08
CA SER A 397 5.37 -8.02 -34.03
C SER A 397 4.85 -8.01 -35.46
N HIS A 398 3.52 -8.12 -35.63
CA HIS A 398 2.97 -8.13 -36.98
C HIS A 398 3.23 -6.83 -37.71
N PHE A 399 3.07 -5.70 -37.03
CA PHE A 399 3.27 -4.39 -37.63
C PHE A 399 4.73 -3.97 -37.68
N GLN A 400 5.66 -4.91 -37.47
CA GLN A 400 7.09 -4.63 -37.56
C GLN A 400 7.72 -5.31 -38.76
N ARG A 401 7.61 -6.64 -38.86
CA ARG A 401 8.10 -7.33 -40.04
C ARG A 401 7.29 -6.94 -41.27
N CYS A 402 5.97 -6.87 -41.14
CA CYS A 402 5.09 -6.43 -42.21
C CYS A 402 4.71 -4.98 -41.95
N THR A 403 5.59 -4.07 -42.37
CA THR A 403 5.37 -2.65 -42.11
C THR A 403 4.10 -2.16 -42.78
N ALA A 404 3.86 -2.57 -44.02
CA ALA A 404 2.65 -2.22 -44.75
C ALA A 404 1.78 -3.45 -44.92
N SER A 405 0.50 -3.33 -44.57
CA SER A 405 -0.45 -4.44 -44.65
C SER A 405 -1.21 -4.32 -45.97
N GLU A 406 -0.67 -4.95 -47.01
CA GLU A 406 -1.36 -4.97 -48.30
C GLU A 406 -2.69 -5.70 -48.20
N GLU A 407 -2.71 -6.83 -47.50
CA GLU A 407 -3.95 -7.59 -47.25
C GLU A 407 -4.46 -7.18 -45.87
N THR A 408 -5.54 -6.39 -45.86
CA THR A 408 -6.11 -5.94 -44.59
C THR A 408 -6.62 -7.12 -43.77
N ASP A 409 -7.25 -8.09 -44.43
CA ASP A 409 -7.74 -9.28 -43.74
C ASP A 409 -6.72 -10.43 -43.85
N HIS A 410 -5.56 -10.21 -43.24
CA HIS A 410 -4.53 -11.23 -43.19
C HIS A 410 -4.92 -12.32 -42.19
N SER A 411 -4.68 -13.58 -42.57
CA SER A 411 -5.18 -14.70 -41.79
C SER A 411 -4.58 -14.73 -40.38
N ASP A 412 -3.29 -14.40 -40.26
CA ASP A 412 -2.62 -14.47 -38.96
C ASP A 412 -3.26 -13.51 -37.97
N LEU A 413 -3.48 -12.25 -38.38
CA LEU A 413 -4.03 -11.27 -37.46
C LEU A 413 -5.50 -11.54 -37.19
N LEU A 414 -6.24 -12.07 -38.17
CA LEU A 414 -7.61 -12.52 -37.89
C LEU A 414 -7.62 -13.62 -36.84
N GLY A 415 -6.70 -14.57 -36.94
CA GLY A 415 -6.65 -15.61 -35.92
C GLY A 415 -6.32 -15.06 -34.54
N THR A 416 -5.35 -14.14 -34.48
CA THR A 416 -4.99 -13.53 -33.20
C THR A 416 -6.18 -12.79 -32.60
N LEU A 417 -6.86 -11.98 -33.42
CA LEU A 417 -8.01 -11.24 -32.92
C LEU A 417 -9.14 -12.17 -32.52
N HIS A 418 -9.33 -13.27 -33.25
CA HIS A 418 -10.39 -14.21 -32.90
C HIS A 418 -10.11 -14.87 -31.55
N ASN A 419 -8.85 -15.26 -31.30
CA ASN A 419 -8.50 -15.84 -30.00
C ASN A 419 -8.71 -14.83 -28.89
N LEU A 420 -8.26 -13.59 -29.09
CA LEU A 420 -8.44 -12.56 -28.08
C LEU A 420 -9.92 -12.33 -27.80
N TYR A 421 -10.74 -12.30 -28.85
CA TYR A 421 -12.17 -12.11 -28.68
C TYR A 421 -12.81 -13.28 -27.94
N LEU A 422 -12.39 -14.51 -28.24
CA LEU A 422 -12.94 -15.66 -27.56
C LEU A 422 -12.59 -15.67 -26.07
N ILE A 423 -11.42 -15.12 -25.71
CA ILE A 423 -11.05 -15.05 -24.30
C ILE A 423 -12.04 -14.20 -23.50
N THR A 424 -12.65 -13.20 -24.14
CA THR A 424 -13.40 -12.16 -23.44
C THR A 424 -14.86 -12.52 -23.18
N PHE A 425 -15.21 -13.81 -23.13
CA PHE A 425 -16.60 -14.19 -22.90
C PHE A 425 -16.90 -14.32 -21.41
N ASN A 426 -16.19 -15.20 -20.72
CA ASN A 426 -16.39 -15.36 -19.29
C ASN A 426 -15.89 -14.14 -18.52
N PRO A 427 -16.48 -13.84 -17.37
CA PRO A 427 -16.05 -12.64 -16.62
C PRO A 427 -14.59 -12.69 -16.19
N VAL A 428 -14.05 -13.88 -15.91
CA VAL A 428 -12.65 -13.98 -15.52
C VAL A 428 -11.72 -13.71 -16.71
N GLY A 429 -12.24 -13.80 -17.94
CA GLY A 429 -11.43 -13.46 -19.09
C GLY A 429 -11.37 -11.98 -19.40
N ARG A 430 -12.46 -11.25 -19.13
CA ARG A 430 -12.45 -9.81 -19.35
C ARG A 430 -11.64 -9.07 -18.30
N SER A 431 -11.45 -9.65 -17.12
CA SER A 431 -10.62 -9.04 -16.10
C SER A 431 -9.14 -9.28 -16.32
N ALA A 432 -8.77 -10.19 -17.22
CA ALA A 432 -7.38 -10.39 -17.59
C ALA A 432 -7.03 -9.76 -18.94
N VAL A 433 -8.00 -9.60 -19.83
CA VAL A 433 -7.77 -8.83 -21.05
C VAL A 433 -7.66 -7.35 -20.74
N GLY A 434 -8.48 -6.85 -19.83
CA GLY A 434 -8.40 -5.46 -19.42
C GLY A 434 -7.30 -5.14 -18.45
N HIS A 435 -6.55 -6.14 -17.99
CA HIS A 435 -5.45 -5.94 -17.06
C HIS A 435 -4.10 -5.87 -17.77
N VAL A 436 -3.86 -6.78 -18.72
CA VAL A 436 -2.61 -6.76 -19.47
C VAL A 436 -2.56 -5.54 -20.38
N PHE A 437 -3.70 -5.15 -20.96
CA PHE A 437 -3.76 -3.98 -21.81
C PHE A 437 -3.60 -2.67 -21.07
N SER A 438 -3.64 -2.69 -19.73
CA SER A 438 -3.50 -1.49 -18.92
C SER A 438 -2.07 -1.26 -18.46
N LEU A 439 -1.12 -2.09 -18.90
CA LEU A 439 0.27 -1.99 -18.47
C LEU A 439 1.12 -1.45 -19.62
N GLU A 440 1.98 -0.50 -19.31
CA GLU A 440 2.96 0.05 -20.26
C GLU A 440 2.19 0.68 -21.42
N LYS A 441 2.51 0.34 -22.68
CA LYS A 441 1.85 0.89 -23.85
C LYS A 441 1.31 -0.24 -24.72
N ASN A 442 0.66 -1.21 -24.09
CA ASN A 442 0.09 -2.33 -24.83
C ASN A 442 -1.19 -1.94 -25.56
N LEU A 443 -1.80 -0.82 -25.20
CA LEU A 443 -3.00 -0.35 -25.90
C LEU A 443 -2.68 0.25 -27.26
N GLN A 444 -1.40 0.46 -27.58
CA GLN A 444 -1.06 1.08 -28.85
C GLN A 444 -1.27 0.14 -30.03
N SER A 445 -1.24 -1.16 -29.79
CA SER A 445 -1.38 -2.12 -30.89
C SER A 445 -2.76 -1.99 -31.55
N LEU A 446 -3.81 -1.92 -30.73
CA LEU A 446 -5.16 -1.83 -31.27
C LEU A 446 -5.39 -0.49 -31.98
N ILE A 447 -4.88 0.59 -31.40
CA ILE A 447 -5.04 1.91 -32.03
C ILE A 447 -4.31 1.95 -33.36
N THR A 448 -3.10 1.38 -33.42
CA THR A 448 -2.39 1.28 -34.68
C THR A 448 -3.16 0.44 -35.68
N LEU A 449 -3.74 -0.67 -35.23
CA LEU A 449 -4.49 -1.53 -36.13
C LEU A 449 -5.69 -0.81 -36.72
N MET A 450 -6.37 0.02 -35.93
CA MET A 450 -7.49 0.78 -36.48
C MET A 450 -7.00 1.88 -37.42
N GLU A 451 -5.95 2.61 -37.02
CA GLU A 451 -5.47 3.73 -37.82
C GLU A 451 -4.95 3.29 -39.17
N TYR A 452 -4.36 2.09 -39.24
CA TYR A 452 -3.93 1.55 -40.52
C TYR A 452 -5.12 1.32 -41.45
N TYR A 453 -6.25 0.89 -40.89
CA TYR A 453 -7.40 0.47 -41.68
C TYR A 453 -8.51 1.52 -41.70
N SER A 454 -8.23 2.75 -41.26
CA SER A 454 -9.24 3.80 -41.26
C SER A 454 -8.70 5.07 -41.92
N LYS A 465 -16.44 -2.18 -43.78
CA LYS A 465 -15.12 -2.09 -43.17
C LYS A 465 -14.47 -3.46 -43.04
N SER A 466 -13.16 -3.47 -42.81
CA SER A 466 -12.44 -4.73 -42.62
C SER A 466 -12.89 -5.40 -41.33
N VAL A 467 -12.77 -6.73 -41.30
CA VAL A 467 -13.14 -7.48 -40.12
C VAL A 467 -12.16 -7.19 -38.97
N ALA A 468 -10.91 -6.89 -39.31
CA ALA A 468 -9.94 -6.55 -38.27
C ALA A 468 -10.33 -5.27 -37.53
N TYR A 469 -10.99 -4.34 -38.21
CA TYR A 469 -11.46 -3.12 -37.55
C TYR A 469 -12.49 -3.43 -36.47
N ASN A 470 -13.44 -4.31 -36.78
CA ASN A 470 -14.52 -4.61 -35.84
C ASN A 470 -13.98 -5.27 -34.58
N TYR A 471 -13.07 -6.22 -34.73
CA TYR A 471 -12.51 -6.91 -33.57
C TYR A 471 -11.74 -5.94 -32.69
N ALA A 472 -10.95 -5.05 -33.30
CA ALA A 472 -10.20 -4.06 -32.51
C ALA A 472 -11.15 -3.13 -31.77
N CYS A 473 -12.22 -2.70 -32.43
CA CYS A 473 -13.20 -1.84 -31.75
C CYS A 473 -13.81 -2.56 -30.54
N ILE A 474 -14.17 -3.83 -30.71
CA ILE A 474 -14.75 -4.59 -29.62
C ILE A 474 -13.76 -4.73 -28.47
N LEU A 475 -12.50 -5.04 -28.79
CA LEU A 475 -11.50 -5.27 -27.75
C LEU A 475 -11.19 -3.98 -26.98
N ILE A 476 -11.12 -2.85 -27.68
CA ILE A 476 -10.88 -1.59 -26.99
C ILE A 476 -12.06 -1.21 -26.11
N LEU A 477 -13.28 -1.45 -26.60
CA LEU A 477 -14.44 -1.22 -25.74
C LEU A 477 -14.37 -2.08 -24.49
N VAL A 478 -13.97 -3.34 -24.63
CA VAL A 478 -13.83 -4.23 -23.47
C VAL A 478 -12.80 -3.69 -22.50
N VAL A 479 -11.62 -3.29 -23.02
CA VAL A 479 -10.53 -2.84 -22.15
C VAL A 479 -10.93 -1.57 -21.40
N VAL A 480 -11.54 -0.62 -22.10
CA VAL A 480 -11.91 0.64 -21.46
C VAL A 480 -13.03 0.41 -20.45
N GLN A 481 -14.01 -0.44 -20.78
CA GLN A 481 -15.11 -0.69 -19.86
C GLN A 481 -14.65 -1.40 -18.60
N SER A 482 -13.73 -2.37 -18.73
CA SER A 482 -13.44 -3.23 -17.59
C SER A 482 -12.31 -2.70 -16.71
N SER A 483 -11.24 -2.18 -17.30
CA SER A 483 -10.07 -1.80 -16.53
C SER A 483 -10.37 -0.65 -15.56
N SER A 484 -9.77 -0.71 -14.38
CA SER A 484 -9.95 0.31 -13.36
C SER A 484 -8.69 1.12 -13.06
N ASP A 485 -7.52 0.63 -13.46
CA ASP A 485 -6.27 1.37 -13.30
C ASP A 485 -6.03 2.19 -14.56
N VAL A 486 -6.61 3.40 -14.59
CA VAL A 486 -6.60 4.23 -15.80
C VAL A 486 -5.33 5.08 -15.73
N GLN A 487 -4.23 4.48 -16.17
CA GLN A 487 -2.99 5.20 -16.44
C GLN A 487 -2.65 5.23 -17.91
N MET A 488 -3.12 4.23 -18.68
CA MET A 488 -2.99 4.24 -20.13
C MET A 488 -3.75 5.39 -20.77
N LEU A 489 -4.72 5.97 -20.06
CA LEU A 489 -5.53 7.05 -20.60
C LEU A 489 -4.84 8.40 -20.54
N GLU A 490 -3.71 8.52 -19.85
CA GLU A 490 -3.01 9.78 -19.76
C GLU A 490 -2.24 10.12 -21.02
N GLN A 491 -2.06 9.16 -21.93
CA GLN A 491 -1.30 9.40 -23.15
C GLN A 491 -2.09 9.01 -24.39
N HIS A 492 -2.94 8.00 -24.28
CA HIS A 492 -3.69 7.48 -25.41
C HIS A 492 -5.06 8.13 -25.60
N ALA A 493 -5.50 8.97 -24.66
CA ALA A 493 -6.82 9.56 -24.78
C ALA A 493 -6.92 10.54 -25.93
N ALA A 494 -5.80 11.03 -26.44
CA ALA A 494 -5.81 11.94 -27.58
C ALA A 494 -6.11 11.20 -28.88
N SER A 495 -5.53 10.00 -29.05
CA SER A 495 -5.76 9.24 -30.27
C SER A 495 -7.17 8.67 -30.32
N LEU A 496 -7.66 8.13 -29.21
CA LEU A 496 -8.97 7.50 -29.20
C LEU A 496 -10.06 8.51 -29.52
N LEU A 497 -9.96 9.72 -28.97
CA LEU A 497 -11.00 10.72 -29.23
C LEU A 497 -11.07 11.12 -30.69
N LYS A 498 -9.92 11.36 -31.33
CA LYS A 498 -9.95 11.71 -32.74
C LYS A 498 -10.40 10.54 -33.62
N LEU A 499 -10.03 9.31 -33.25
CA LEU A 499 -10.51 8.15 -34.00
C LEU A 499 -12.02 8.01 -33.88
N CYS A 500 -12.56 8.25 -32.68
CA CYS A 500 -14.01 8.19 -32.49
C CYS A 500 -14.71 9.30 -33.27
N LYS A 501 -14.08 10.48 -33.33
CA LYS A 501 -14.64 11.57 -34.14
C LYS A 501 -14.62 11.24 -35.62
N ALA A 502 -13.60 10.51 -36.07
CA ALA A 502 -13.47 10.20 -37.50
C ALA A 502 -14.63 9.34 -37.99
N ASP A 503 -15.03 8.34 -37.21
CA ASP A 503 -16.12 7.43 -37.57
C ASP A 503 -17.36 7.82 -36.76
N GLU A 504 -18.30 8.49 -37.40
CA GLU A 504 -19.54 8.90 -36.75
C GLU A 504 -20.69 7.94 -36.97
N ASN A 505 -20.48 6.85 -37.69
CA ASN A 505 -21.55 5.89 -37.99
C ASN A 505 -21.39 4.55 -37.30
N ASN A 506 -20.20 4.24 -36.78
CA ASN A 506 -20.01 2.99 -36.05
C ASN A 506 -20.69 3.07 -34.69
N ALA A 507 -21.49 2.04 -34.37
CA ALA A 507 -22.15 2.00 -33.07
C ALA A 507 -21.23 1.55 -31.95
N LYS A 508 -20.07 0.98 -32.29
CA LYS A 508 -19.09 0.55 -31.30
C LYS A 508 -18.09 1.63 -30.94
N LEU A 509 -17.97 2.68 -31.76
CA LEU A 509 -17.12 3.82 -31.46
C LEU A 509 -17.88 5.00 -30.90
N GLN A 510 -19.16 5.13 -31.21
CA GLN A 510 -19.98 6.16 -30.59
C GLN A 510 -20.15 5.90 -29.09
N GLU A 511 -19.98 4.66 -28.66
CA GLU A 511 -20.02 4.31 -27.24
C GLU A 511 -18.67 4.45 -26.56
N LEU A 512 -17.59 4.12 -27.27
CA LEU A 512 -16.25 4.29 -26.71
C LEU A 512 -15.93 5.75 -26.49
N GLY A 513 -16.37 6.63 -27.40
CA GLY A 513 -16.15 8.05 -27.23
C GLY A 513 -16.93 8.66 -26.10
N LYS A 514 -18.01 8.01 -25.66
CA LYS A 514 -18.77 8.50 -24.51
C LYS A 514 -18.06 8.18 -23.20
N TRP A 515 -17.26 7.12 -23.16
CA TRP A 515 -16.52 6.79 -21.95
C TRP A 515 -15.41 7.78 -21.69
N LEU A 516 -14.69 8.19 -22.73
CA LEU A 516 -13.63 9.19 -22.60
C LEU A 516 -14.14 10.60 -22.86
N GLU A 517 -15.25 10.96 -22.23
CA GLU A 517 -15.82 12.29 -22.35
C GLU A 517 -15.11 13.30 -21.45
N PRO A 518 -14.89 13.00 -20.16
CA PRO A 518 -14.18 13.97 -19.31
C PRO A 518 -12.75 14.21 -19.73
N LEU A 519 -12.14 13.31 -20.48
CA LEU A 519 -10.73 13.41 -20.85
C LEU A 519 -10.54 14.27 -22.09
N LYS A 520 -11.11 15.48 -22.07
CA LYS A 520 -11.01 16.40 -23.20
C LYS A 520 -10.04 17.51 -22.82
N ASN A 521 -8.83 17.47 -23.39
CA ASN A 521 -7.77 18.42 -23.11
C ASN A 521 -7.49 18.48 -21.61
N LEU A 522 -7.13 17.34 -21.05
CA LEU A 522 -6.83 17.20 -19.63
C LEU A 522 -5.43 16.65 -19.45
N ARG A 523 -4.66 17.29 -18.57
CA ARG A 523 -3.31 16.85 -18.23
C ARG A 523 -3.33 16.43 -16.77
N PHE A 524 -2.91 15.20 -16.50
CA PHE A 524 -3.17 14.55 -15.21
C PHE A 524 -2.15 15.01 -14.17
N GLU A 525 -2.48 16.10 -13.49
CA GLU A 525 -1.73 16.56 -12.32
C GLU A 525 -2.73 17.06 -11.29
N ILE A 526 -2.22 17.74 -10.27
CA ILE A 526 -3.10 18.29 -9.24
C ILE A 526 -3.97 19.41 -9.80
N ASN A 527 -3.45 20.18 -10.76
CA ASN A 527 -4.19 21.31 -11.30
C ASN A 527 -5.47 20.90 -12.02
N CYS A 528 -5.59 19.64 -12.44
CA CYS A 528 -6.78 19.18 -13.14
C CYS A 528 -7.85 18.64 -12.21
N ILE A 529 -7.57 18.52 -10.92
CA ILE A 529 -8.56 17.97 -9.98
C ILE A 529 -9.83 18.80 -9.93
N PRO A 530 -9.79 20.14 -9.83
CA PRO A 530 -11.05 20.90 -9.83
C PRO A 530 -11.88 20.69 -11.08
N ASN A 531 -11.26 20.49 -12.24
CA ASN A 531 -12.02 20.24 -13.47
C ASN A 531 -12.78 18.93 -13.39
N LEU A 532 -12.13 17.87 -12.91
CA LEU A 532 -12.81 16.58 -12.78
C LEU A 532 -13.93 16.65 -11.75
N ILE A 533 -13.70 17.34 -10.63
CA ILE A 533 -14.75 17.46 -9.62
C ILE A 533 -15.92 18.27 -10.16
N GLU A 534 -15.62 19.31 -10.93
CA GLU A 534 -16.68 20.09 -11.56
C GLU A 534 -17.48 19.24 -12.55
N TYR A 535 -16.80 18.42 -13.34
CA TYR A 535 -17.51 17.57 -14.29
C TYR A 535 -18.42 16.58 -13.57
N VAL A 536 -17.93 15.97 -12.49
CA VAL A 536 -18.76 15.06 -11.71
C VAL A 536 -19.96 15.79 -11.14
N LYS A 537 -19.72 16.98 -10.57
CA LYS A 537 -20.80 17.75 -9.97
C LYS A 537 -21.88 18.10 -10.99
N GLN A 538 -21.46 18.48 -12.20
CA GLN A 538 -22.44 18.78 -13.25
C GLN A 538 -23.19 17.52 -13.65
N ASN A 539 -22.48 16.49 -14.13
CA ASN A 539 -23.12 15.30 -14.63
C ASN A 539 -23.26 14.23 -13.54
N ILE A 540 -23.74 14.61 -12.36
CA ILE A 540 -24.02 13.63 -11.33
C ILE A 540 -25.41 13.00 -11.48
N ASP A 541 -26.31 13.64 -12.20
CA ASP A 541 -27.69 13.16 -12.27
C ASP A 541 -27.79 11.83 -12.99
N ASN A 542 -26.90 11.55 -13.93
CA ASN A 542 -26.95 10.34 -14.74
C ASN A 542 -25.88 9.37 -14.24
N LEU A 543 -26.29 8.43 -13.39
CA LEU A 543 -25.41 7.39 -12.88
C LEU A 543 -25.92 6.03 -13.34
N MET A 544 -25.00 5.21 -13.86
CA MET A 544 -25.33 3.89 -14.40
C MET A 544 -26.49 3.97 -15.39
N THR A 545 -26.40 4.91 -16.30
CA THR A 545 -27.27 5.08 -17.46
C THR A 545 -26.38 5.15 -18.68
N PRO A 546 -26.92 4.87 -19.87
CA PRO A 546 -26.06 4.90 -21.08
C PRO A 546 -25.37 6.24 -21.29
N GLU A 547 -26.03 7.35 -20.98
CA GLU A 547 -25.41 8.65 -21.18
C GLU A 547 -24.39 8.97 -20.08
N GLY A 548 -24.67 8.52 -18.86
CA GLY A 548 -23.81 8.85 -17.73
C GLY A 548 -22.75 7.81 -17.44
N VAL A 549 -22.04 7.35 -18.47
CA VAL A 549 -20.97 6.38 -18.29
C VAL A 549 -19.60 7.04 -18.15
N GLY A 550 -19.52 8.36 -18.30
CA GLY A 550 -18.29 9.08 -18.06
C GLY A 550 -17.98 9.34 -16.61
N LEU A 551 -18.92 9.05 -15.71
CA LEU A 551 -18.67 9.18 -14.28
C LEU A 551 -17.85 8.02 -13.74
N THR A 552 -17.83 6.89 -14.45
CA THR A 552 -16.99 5.79 -14.05
C THR A 552 -15.52 6.09 -14.33
N THR A 553 -15.25 6.87 -15.38
CA THR A 553 -13.89 7.27 -15.71
C THR A 553 -13.46 8.53 -14.98
N ALA A 554 -14.37 9.49 -14.79
CA ALA A 554 -14.02 10.69 -14.03
C ALA A 554 -13.74 10.39 -12.57
N LEU A 555 -14.23 9.26 -12.05
CA LEU A 555 -13.92 8.84 -10.69
C LEU A 555 -12.75 7.86 -10.62
N ARG A 556 -12.45 7.18 -11.72
CA ARG A 556 -11.25 6.33 -11.78
C ARG A 556 -9.99 7.17 -11.95
N VAL A 557 -10.07 8.25 -12.73
CA VAL A 557 -8.92 9.13 -12.92
C VAL A 557 -8.63 9.91 -11.65
N LEU A 558 -9.67 10.41 -10.99
CA LEU A 558 -9.51 11.20 -9.77
C LEU A 558 -9.04 10.37 -8.59
N CYS A 559 -9.09 9.04 -8.68
CA CYS A 559 -8.77 8.16 -7.57
C CYS A 559 -7.32 7.66 -7.60
N ASN A 560 -6.55 7.98 -8.64
CA ASN A 560 -5.12 7.71 -8.62
C ASN A 560 -4.28 8.97 -8.68
N VAL A 561 -4.86 10.11 -9.05
CA VAL A 561 -4.15 11.38 -8.98
C VAL A 561 -3.93 11.79 -7.53
N ALA A 562 -4.93 11.58 -6.67
CA ALA A 562 -4.91 12.10 -5.32
C ALA A 562 -4.82 11.03 -4.24
N CYS A 563 -4.96 9.76 -4.58
CA CYS A 563 -4.96 8.69 -3.57
C CYS A 563 -3.66 7.90 -3.66
N PRO A 564 -2.80 7.97 -2.65
CA PRO A 564 -1.55 7.21 -2.68
C PRO A 564 -1.81 5.73 -2.45
N PRO A 565 -0.93 4.86 -2.91
CA PRO A 565 -1.03 3.43 -2.60
C PRO A 565 -0.80 3.19 -1.13
N PRO A 566 -1.19 2.03 -0.60
CA PRO A 566 -1.01 1.75 0.82
C PRO A 566 0.44 1.86 1.23
N PRO A 567 0.73 2.40 2.42
CA PRO A 567 2.11 2.66 2.81
C PRO A 567 2.90 1.37 2.98
N VAL A 568 4.22 1.49 2.77
CA VAL A 568 5.17 0.40 2.91
C VAL A 568 6.22 0.83 3.93
N GLU A 569 6.61 -0.09 4.81
CA GLU A 569 7.58 0.23 5.84
C GLU A 569 8.92 0.64 5.22
N GLY A 570 9.47 1.74 5.73
CA GLY A 570 10.70 2.29 5.21
C GLY A 570 10.54 3.38 4.15
N GLN A 571 9.32 3.84 3.91
CA GLN A 571 9.05 4.82 2.88
C GLN A 571 9.46 6.23 3.32
N GLN A 572 9.65 7.10 2.34
CA GLN A 572 9.80 8.54 2.56
C GLN A 572 8.51 9.22 2.15
N LYS A 573 7.94 10.00 3.07
CA LYS A 573 6.64 10.63 2.86
C LYS A 573 6.78 11.73 1.82
N ASP A 574 6.33 11.45 0.60
CA ASP A 574 6.30 12.48 -0.45
C ASP A 574 5.29 13.56 -0.08
N LEU A 575 5.66 14.81 -0.32
CA LEU A 575 4.84 15.94 0.09
C LEU A 575 3.79 16.33 -0.95
N LYS A 576 3.78 15.69 -2.11
CA LYS A 576 2.75 15.97 -3.10
C LYS A 576 1.37 15.50 -2.61
N TRP A 577 1.35 14.44 -1.82
CA TRP A 577 0.09 13.87 -1.37
C TRP A 577 -0.65 14.77 -0.39
N ASN A 578 0.06 15.60 0.37
CA ASN A 578 -0.63 16.58 1.23
C ASN A 578 -1.26 17.68 0.39
N LEU A 579 -0.53 18.18 -0.60
CA LEU A 579 -1.09 19.19 -1.49
C LEU A 579 -2.30 18.64 -2.26
N ALA A 580 -2.26 17.37 -2.63
CA ALA A 580 -3.41 16.77 -3.32
C ALA A 580 -4.66 16.80 -2.46
N VAL A 581 -4.53 16.45 -1.19
CA VAL A 581 -5.68 16.45 -0.29
C VAL A 581 -6.15 17.87 -0.01
N ILE A 582 -5.22 18.81 0.10
CA ILE A 582 -5.61 20.21 0.25
C ILE A 582 -6.42 20.67 -0.95
N GLN A 583 -5.97 20.29 -2.15
CA GLN A 583 -6.72 20.63 -3.37
C GLN A 583 -8.09 19.97 -3.39
N LEU A 584 -8.17 18.72 -2.94
CA LEU A 584 -9.45 18.04 -2.87
C LEU A 584 -10.41 18.76 -1.93
N PHE A 585 -9.91 19.22 -0.78
CA PHE A 585 -10.77 19.94 0.14
C PHE A 585 -11.13 21.32 -0.38
N SER A 586 -10.24 21.95 -1.15
CA SER A 586 -10.54 23.26 -1.72
C SER A 586 -11.58 23.17 -2.83
N ALA A 587 -11.56 22.10 -3.61
CA ALA A 587 -12.46 21.94 -4.75
C ALA A 587 -13.77 21.26 -4.39
N GLU A 588 -14.16 21.31 -3.12
CA GLU A 588 -15.44 20.76 -2.65
C GLU A 588 -15.56 19.27 -2.93
N GLY A 589 -14.50 18.51 -2.62
CA GLY A 589 -14.55 17.07 -2.77
C GLY A 589 -15.52 16.41 -1.80
N MET A 590 -15.62 16.95 -0.58
CA MET A 590 -16.41 16.33 0.46
C MET A 590 -17.88 16.20 0.04
N ASP A 591 -18.49 17.33 -0.33
CA ASP A 591 -19.90 17.32 -0.70
C ASP A 591 -20.14 16.51 -1.95
N THR A 592 -19.24 16.60 -2.93
CA THR A 592 -19.40 15.85 -4.16
C THR A 592 -19.41 14.35 -3.90
N PHE A 593 -18.46 13.86 -3.09
CA PHE A 593 -18.39 12.42 -2.85
C PHE A 593 -19.55 11.95 -1.97
N ILE A 594 -19.99 12.78 -1.02
CA ILE A 594 -21.16 12.41 -0.23
C ILE A 594 -22.39 12.31 -1.13
N ARG A 595 -22.55 13.26 -2.06
CA ARG A 595 -23.67 13.21 -3.00
C ARG A 595 -23.57 11.98 -3.88
N VAL A 596 -22.37 11.62 -4.32
CA VAL A 596 -22.19 10.43 -5.15
C VAL A 596 -22.64 9.19 -4.38
N LEU A 597 -22.20 9.07 -3.13
CA LEU A 597 -22.57 7.90 -2.33
C LEU A 597 -24.07 7.84 -2.09
N GLN A 598 -24.69 8.99 -1.77
CA GLN A 598 -26.12 9.01 -1.51
C GLN A 598 -26.91 8.65 -2.77
N LYS A 599 -26.52 9.20 -3.92
CA LYS A 599 -27.23 8.89 -5.15
C LYS A 599 -27.07 7.42 -5.52
N LEU A 600 -25.87 6.86 -5.35
CA LEU A 600 -25.68 5.44 -5.63
C LEU A 600 -26.50 4.58 -4.69
N ASN A 601 -26.61 4.99 -3.42
CA ASN A 601 -27.42 4.24 -2.47
C ASN A 601 -28.89 4.25 -2.89
N SER A 602 -29.43 5.43 -3.21
CA SER A 602 -30.85 5.49 -3.58
C SER A 602 -31.05 5.19 -5.06
N ILE A 603 -30.41 4.13 -5.55
CA ILE A 603 -30.74 3.52 -6.82
C ILE A 603 -30.96 2.02 -6.60
N LEU A 604 -30.06 1.41 -5.82
CA LEU A 604 -30.08 -0.02 -5.59
C LEU A 604 -31.14 -0.46 -4.60
N THR A 605 -31.81 0.46 -3.90
CA THR A 605 -32.83 0.08 -2.93
C THR A 605 -34.22 0.57 -3.32
N GLN A 606 -34.43 1.88 -3.52
CA GLN A 606 -35.76 2.37 -3.83
C GLN A 606 -36.07 2.18 -5.32
N PRO A 607 -35.18 2.56 -6.25
CA PRO A 607 -35.39 2.20 -7.65
C PRO A 607 -35.08 0.75 -7.98
N TRP A 608 -34.92 -0.10 -6.97
CA TRP A 608 -34.72 -1.53 -7.21
C TRP A 608 -35.98 -2.22 -7.72
N ARG A 609 -37.13 -1.53 -7.73
CA ARG A 609 -38.36 -2.20 -8.15
C ARG A 609 -38.28 -2.65 -9.60
N LEU A 610 -37.39 -2.05 -10.40
CA LEU A 610 -37.13 -2.54 -11.74
C LEU A 610 -36.52 -3.93 -11.73
N HIS A 611 -35.94 -4.34 -10.60
CA HIS A 611 -35.37 -5.68 -10.43
C HIS A 611 -34.28 -5.96 -11.46
N VAL A 612 -33.46 -4.96 -11.74
CA VAL A 612 -32.28 -5.15 -12.61
C VAL A 612 -31.15 -5.60 -11.69
N ASN A 613 -31.13 -6.91 -11.43
CA ASN A 613 -30.17 -7.49 -10.49
C ASN A 613 -28.94 -7.97 -11.25
N MET A 614 -28.17 -7.00 -11.74
CA MET A 614 -26.96 -7.25 -12.52
C MET A 614 -27.26 -8.19 -13.70
N GLY A 615 -28.16 -7.71 -14.56
CA GLY A 615 -28.53 -8.50 -15.73
C GLY A 615 -27.35 -8.78 -16.64
N THR A 616 -26.47 -7.80 -16.79
CA THR A 616 -25.26 -7.93 -17.58
C THR A 616 -24.04 -7.68 -16.70
N THR A 617 -22.87 -8.03 -17.22
CA THR A 617 -21.62 -7.80 -16.49
C THR A 617 -21.25 -6.33 -16.42
N LEU A 618 -21.92 -5.46 -17.17
CA LEU A 618 -21.61 -4.03 -17.13
C LEU A 618 -22.21 -3.37 -15.88
N HIS A 619 -23.49 -3.65 -15.59
CA HIS A 619 -24.15 -2.99 -14.48
C HIS A 619 -23.53 -3.35 -13.15
N ARG A 620 -22.93 -4.55 -13.05
CA ARG A 620 -22.30 -4.96 -11.81
C ARG A 620 -20.91 -4.37 -11.66
N VAL A 621 -20.08 -4.50 -12.71
CA VAL A 621 -18.70 -4.01 -12.64
C VAL A 621 -18.68 -2.50 -12.48
N THR A 622 -19.54 -1.79 -13.21
CA THR A 622 -19.59 -0.34 -13.09
C THR A 622 -19.95 0.10 -11.68
N THR A 623 -20.99 -0.52 -11.10
CA THR A 623 -21.42 -0.15 -9.76
C THR A 623 -20.33 -0.44 -8.74
N ILE A 624 -19.67 -1.61 -8.85
CA ILE A 624 -18.61 -1.94 -7.91
C ILE A 624 -17.45 -0.96 -8.03
N SER A 625 -17.09 -0.60 -9.26
CA SER A 625 -15.98 0.35 -9.45
C SER A 625 -16.31 1.72 -8.88
N MET A 626 -17.53 2.21 -9.10
CA MET A 626 -17.91 3.50 -8.52
C MET A 626 -17.87 3.45 -7.00
N ALA A 627 -18.40 2.38 -6.42
CA ALA A 627 -18.39 2.27 -4.96
C ALA A 627 -16.97 2.25 -4.43
N ARG A 628 -16.09 1.45 -5.05
CA ARG A 628 -14.72 1.35 -4.57
C ARG A 628 -13.99 2.68 -4.70
N CYS A 629 -14.16 3.37 -5.82
CA CYS A 629 -13.46 4.64 -6.02
C CYS A 629 -13.93 5.69 -5.02
N THR A 630 -15.24 5.81 -4.82
CA THR A 630 -15.74 6.76 -3.85
C THR A 630 -15.24 6.44 -2.45
N LEU A 631 -15.26 5.15 -2.08
CA LEU A 631 -14.79 4.76 -0.76
C LEU A 631 -13.31 5.08 -0.57
N THR A 632 -12.49 4.83 -1.59
CA THR A 632 -11.06 5.11 -1.49
C THR A 632 -10.81 6.60 -1.33
N LEU A 633 -11.52 7.44 -2.10
CA LEU A 633 -11.35 8.88 -1.97
C LEU A 633 -11.78 9.36 -0.58
N LEU A 634 -12.91 8.85 -0.09
CA LEU A 634 -13.40 9.23 1.23
C LEU A 634 -12.40 8.84 2.31
N LYS A 635 -11.85 7.63 2.22
CA LYS A 635 -10.88 7.17 3.21
C LYS A 635 -9.60 8.01 3.16
N THR A 636 -9.11 8.32 1.96
CA THR A 636 -7.90 9.13 1.85
C THR A 636 -8.10 10.51 2.46
N MET A 637 -9.24 11.14 2.19
CA MET A 637 -9.49 12.46 2.77
C MET A 637 -9.61 12.38 4.29
N LEU A 638 -10.39 11.41 4.80
CA LEU A 638 -10.70 11.39 6.23
C LEU A 638 -9.52 10.91 7.06
N THR A 639 -8.63 10.09 6.49
CA THR A 639 -7.48 9.63 7.26
C THR A 639 -6.50 10.77 7.52
N GLU A 640 -6.17 11.54 6.49
CA GLU A 640 -5.23 12.65 6.66
C GLU A 640 -5.88 13.81 7.41
N LEU A 641 -7.16 14.07 7.18
CA LEU A 641 -7.82 15.12 7.94
C LEU A 641 -7.88 14.78 9.42
N LEU A 642 -8.38 13.59 9.75
CA LEU A 642 -8.49 13.13 11.13
C LEU A 642 -7.33 12.22 11.50
N ARG A 643 -6.13 12.79 11.47
CA ARG A 643 -4.92 11.98 11.62
C ARG A 643 -4.62 11.70 13.09
N GLY A 644 -4.38 12.76 13.87
CA GLY A 644 -4.00 12.57 15.26
C GLY A 644 -4.89 13.31 16.24
N GLY A 645 -6.15 13.49 15.88
CA GLY A 645 -7.07 14.19 16.76
C GLY A 645 -6.84 15.68 16.86
N SER A 646 -6.08 16.25 15.92
CA SER A 646 -5.81 17.68 15.95
C SER A 646 -7.09 18.48 15.69
N PHE A 647 -7.93 17.99 14.78
CA PHE A 647 -9.14 18.69 14.36
C PHE A 647 -10.35 17.78 14.55
N GLU A 648 -11.46 18.40 14.95
CA GLU A 648 -12.70 17.69 15.17
C GLU A 648 -13.51 17.59 13.89
N PHE A 649 -14.47 16.66 13.88
CA PHE A 649 -15.29 16.37 12.71
C PHE A 649 -16.69 16.00 13.19
N LYS A 650 -17.70 16.68 12.66
CA LYS A 650 -19.07 16.50 13.14
C LYS A 650 -20.08 16.29 12.01
N ASP A 651 -19.63 16.20 10.76
CA ASP A 651 -20.56 15.99 9.64
C ASP A 651 -21.09 14.56 9.69
N MET A 652 -22.35 14.40 10.10
CA MET A 652 -22.96 13.10 10.28
C MET A 652 -23.70 12.63 9.03
N ARG A 653 -22.98 12.60 7.91
CA ARG A 653 -23.46 12.04 6.65
C ARG A 653 -22.64 10.84 6.21
N VAL A 654 -21.33 10.88 6.42
CA VAL A 654 -20.49 9.73 6.08
C VAL A 654 -20.85 8.50 6.91
N PRO A 655 -20.94 8.57 8.26
CA PRO A 655 -21.30 7.36 9.01
C PRO A 655 -22.81 7.16 9.10
N SER A 656 -23.51 7.43 8.01
CA SER A 656 -24.93 7.14 7.90
C SER A 656 -25.34 6.59 6.55
N ALA A 657 -24.51 6.71 5.52
CA ALA A 657 -24.73 6.09 4.23
C ALA A 657 -23.79 4.93 3.97
N LEU A 658 -22.78 4.74 4.83
CA LEU A 658 -21.93 3.55 4.74
C LEU A 658 -22.66 2.32 5.26
N VAL A 659 -23.59 2.51 6.20
CA VAL A 659 -24.37 1.39 6.71
C VAL A 659 -25.31 0.86 5.63
N THR A 660 -26.02 1.77 4.94
CA THR A 660 -26.94 1.34 3.90
C THR A 660 -26.20 0.72 2.72
N LEU A 661 -25.03 1.26 2.37
CA LEU A 661 -24.23 0.65 1.32
C LEU A 661 -23.81 -0.76 1.71
N HIS A 662 -23.46 -0.96 2.98
CA HIS A 662 -23.12 -2.30 3.45
C HIS A 662 -24.32 -3.22 3.36
N MET A 663 -25.51 -2.72 3.70
CA MET A 663 -26.72 -3.53 3.60
C MET A 663 -26.99 -3.95 2.18
N LEU A 664 -26.84 -3.02 1.22
CA LEU A 664 -27.16 -3.31 -0.17
C LEU A 664 -26.12 -4.20 -0.83
N LEU A 665 -24.85 -3.79 -0.80
CA LEU A 665 -23.82 -4.54 -1.50
C LEU A 665 -23.39 -5.76 -0.70
N CYS A 666 -22.83 -5.54 0.50
CA CYS A 666 -22.29 -6.65 1.31
C CYS A 666 -23.39 -7.27 2.14
N SER A 667 -24.28 -7.99 1.45
CA SER A 667 -25.45 -8.59 2.09
C SER A 667 -25.37 -10.10 2.23
N ILE A 668 -24.54 -10.77 1.45
CA ILE A 668 -24.43 -12.22 1.52
C ILE A 668 -23.74 -12.65 2.80
N GLY A 672 -18.12 -16.53 3.22
CA GLY A 672 -18.17 -15.10 3.42
C GLY A 672 -18.46 -14.33 2.15
N ARG A 673 -18.21 -13.02 2.17
CA ARG A 673 -18.43 -12.20 0.99
C ARG A 673 -17.51 -12.64 -0.15
N LEU A 674 -16.23 -12.86 0.15
CA LEU A 674 -15.24 -13.31 -0.82
C LEU A 674 -15.24 -12.41 -2.05
N ASP A 675 -15.07 -13.01 -3.23
CA ASP A 675 -15.14 -12.36 -4.54
C ASP A 675 -14.00 -11.38 -4.77
N SER A 676 -13.14 -11.13 -3.78
CA SER A 676 -12.00 -10.23 -3.85
C SER A 676 -12.38 -8.79 -4.14
N ASP A 677 -13.67 -8.49 -4.27
CA ASP A 677 -14.16 -7.13 -4.48
C ASP A 677 -15.26 -6.74 -3.51
N GLU A 678 -16.14 -7.68 -3.16
CA GLU A 678 -17.17 -7.41 -2.17
C GLU A 678 -16.60 -7.34 -0.77
N GLN A 679 -15.49 -8.04 -0.52
CA GLN A 679 -14.87 -8.02 0.80
C GLN A 679 -14.15 -6.70 1.06
N LYS A 680 -13.47 -6.17 0.04
CA LYS A 680 -12.70 -4.94 0.22
C LYS A 680 -13.60 -3.77 0.54
N ILE A 681 -14.84 -3.76 0.03
CA ILE A 681 -15.77 -2.69 0.35
C ILE A 681 -16.09 -2.69 1.84
N GLN A 682 -16.30 -3.88 2.41
CA GLN A 682 -16.55 -3.97 3.85
C GLN A 682 -15.36 -3.48 4.66
N ASN A 683 -14.15 -3.86 4.24
CA ASN A 683 -12.95 -3.39 4.94
C ASN A 683 -12.83 -1.88 4.89
N ASP A 684 -13.09 -1.28 3.72
CA ASP A 684 -13.02 0.17 3.60
C ASP A 684 -14.10 0.85 4.44
N ILE A 685 -15.29 0.27 4.50
CA ILE A 685 -16.35 0.85 5.33
C ILE A 685 -15.94 0.84 6.79
N ILE A 686 -15.38 -0.29 7.26
CA ILE A 686 -14.93 -0.38 8.64
C ILE A 686 -13.80 0.61 8.90
N ASP A 687 -12.87 0.75 7.94
CA ASP A 687 -11.76 1.68 8.12
C ASP A 687 -12.24 3.12 8.21
N ILE A 688 -13.20 3.50 7.36
CA ILE A 688 -13.74 4.86 7.43
C ILE A 688 -14.46 5.08 8.75
N LEU A 689 -15.20 4.08 9.21
CA LEU A 689 -15.89 4.22 10.49
C LEU A 689 -14.92 4.28 11.66
N LEU A 690 -13.76 3.64 11.54
CA LEU A 690 -12.82 3.57 12.65
C LEU A 690 -12.01 4.85 12.86
N THR A 691 -11.90 5.70 11.83
CA THR A 691 -11.13 6.92 11.99
C THR A 691 -11.79 7.90 12.94
N PHE A 692 -13.07 7.69 13.26
CA PHE A 692 -13.77 8.51 14.24
C PHE A 692 -13.43 8.13 15.68
N THR A 693 -12.71 7.03 15.87
CA THR A 693 -12.29 6.60 17.20
C THR A 693 -10.85 7.00 17.51
N GLN A 694 -9.96 6.91 16.50
CA GLN A 694 -8.57 7.30 16.72
C GLN A 694 -8.45 8.77 17.07
N GLY A 695 -9.22 9.63 16.40
CA GLY A 695 -9.23 11.04 16.72
C GLY A 695 -10.03 11.33 17.97
N VAL A 696 -9.50 10.93 19.13
CA VAL A 696 -10.18 11.08 20.40
C VAL A 696 -9.26 11.81 21.36
N ASN A 697 -9.87 12.51 22.32
CA ASN A 697 -9.14 13.24 23.34
C ASN A 697 -9.05 12.38 24.60
N GLU A 698 -7.83 12.09 25.03
CA GLU A 698 -7.62 11.26 26.22
C GLU A 698 -7.69 12.05 27.51
N LYS A 699 -7.75 13.38 27.45
CA LYS A 699 -7.82 14.20 28.64
C LYS A 699 -9.24 14.59 28.99
N LEU A 700 -10.04 14.99 28.01
CA LEU A 700 -11.43 15.37 28.24
C LEU A 700 -12.31 14.12 28.19
N THR A 701 -12.07 13.24 29.16
CA THR A 701 -12.77 11.96 29.27
C THR A 701 -13.68 11.89 30.49
N ILE A 702 -13.94 13.03 31.13
CA ILE A 702 -14.72 13.08 32.35
C ILE A 702 -15.97 13.93 32.18
N SER A 703 -15.85 15.10 31.55
CA SER A 703 -16.97 16.00 31.39
C SER A 703 -18.06 15.36 30.53
N GLU A 704 -19.32 15.52 30.97
CA GLU A 704 -20.42 14.94 30.23
C GLU A 704 -20.56 15.57 28.84
N GLU A 705 -20.38 16.90 28.75
CA GLU A 705 -20.48 17.57 27.47
C GLU A 705 -19.39 17.11 26.51
N THR A 706 -18.16 16.94 27.01
CA THR A 706 -17.05 16.53 26.16
C THR A 706 -17.12 15.06 25.76
N LEU A 707 -17.94 14.25 26.44
CA LEU A 707 -18.08 12.85 26.11
C LEU A 707 -19.32 12.54 25.29
N ALA A 708 -20.41 13.28 25.49
CA ALA A 708 -21.62 13.10 24.71
C ALA A 708 -21.59 13.87 23.40
N ASN A 709 -20.55 14.65 23.14
CA ASN A 709 -20.41 15.42 21.91
C ASN A 709 -19.03 15.22 21.31
N ASN A 710 -18.50 14.01 21.46
CA ASN A 710 -17.20 13.66 20.91
C ASN A 710 -17.37 13.05 19.53
N THR A 711 -16.25 12.93 18.81
CA THR A 711 -16.29 12.31 17.49
C THR A 711 -16.63 10.82 17.62
N TRP A 712 -16.23 10.19 18.71
CA TRP A 712 -16.56 8.79 18.95
C TRP A 712 -18.07 8.61 19.18
N SER A 713 -18.64 9.42 20.07
CA SER A 713 -20.03 9.23 20.47
C SER A 713 -20.98 9.50 19.32
N LEU A 714 -20.73 10.53 18.52
CA LEU A 714 -21.63 10.82 17.40
C LEU A 714 -21.62 9.70 16.37
N MET A 715 -20.45 9.19 16.03
CA MET A 715 -20.38 8.07 15.09
C MET A 715 -21.10 6.85 15.65
N LEU A 716 -20.88 6.54 16.93
CA LEU A 716 -21.54 5.38 17.52
C LEU A 716 -23.05 5.55 17.52
N LYS A 717 -23.53 6.74 17.86
CA LYS A 717 -24.96 6.99 17.87
C LYS A 717 -25.55 6.84 16.46
N GLU A 718 -24.86 7.38 15.46
CA GLU A 718 -25.35 7.25 14.09
C GLU A 718 -25.41 5.80 13.65
N VAL A 719 -24.35 5.03 13.93
CA VAL A 719 -24.34 3.63 13.51
C VAL A 719 -25.44 2.84 14.22
N LEU A 720 -25.54 3.00 15.54
CA LEU A 720 -26.53 2.24 16.30
C LEU A 720 -27.96 2.60 15.88
N SER A 721 -28.22 3.89 15.65
CA SER A 721 -29.54 4.28 15.15
C SER A 721 -29.80 3.73 13.76
N SER A 722 -28.77 3.71 12.90
CA SER A 722 -28.95 3.20 11.54
C SER A 722 -29.29 1.73 11.55
N ILE A 723 -28.70 0.95 12.47
CA ILE A 723 -29.01 -0.48 12.53
C ILE A 723 -30.49 -0.70 12.82
N LEU A 724 -31.05 0.08 13.76
CA LEU A 724 -32.44 -0.08 14.17
C LEU A 724 -33.37 0.86 13.41
N LYS A 725 -33.36 0.78 12.08
CA LYS A 725 -34.28 1.60 11.28
C LYS A 725 -34.96 0.85 10.14
N VAL A 726 -34.46 -0.31 9.73
CA VAL A 726 -35.08 -1.06 8.63
C VAL A 726 -35.21 -2.52 9.05
N PRO A 727 -36.42 -3.07 9.06
CA PRO A 727 -36.58 -4.49 9.41
C PRO A 727 -35.68 -5.42 8.60
N GLU A 728 -35.45 -5.13 7.33
CA GLU A 728 -34.59 -5.99 6.52
C GLU A 728 -33.13 -5.84 6.91
N GLY A 729 -32.74 -4.68 7.42
CA GLY A 729 -31.36 -4.43 7.76
C GLY A 729 -30.99 -4.73 9.21
N PHE A 730 -31.12 -6.00 9.61
CA PHE A 730 -30.72 -6.44 10.94
C PHE A 730 -29.52 -7.37 10.90
N PHE A 731 -29.56 -8.42 10.08
CA PHE A 731 -28.46 -9.36 10.02
C PHE A 731 -27.20 -8.70 9.47
N SER A 732 -27.34 -7.84 8.47
CA SER A 732 -26.19 -7.11 7.96
C SER A 732 -25.66 -6.11 8.99
N GLY A 733 -26.57 -5.45 9.72
CA GLY A 733 -26.13 -4.51 10.73
C GLY A 733 -25.37 -5.15 11.87
N LEU A 734 -25.76 -6.37 12.26
CA LEU A 734 -25.04 -7.07 13.31
C LEU A 734 -23.62 -7.43 12.86
N ILE A 735 -23.44 -7.73 11.57
CA ILE A 735 -22.10 -7.97 11.05
C ILE A 735 -21.25 -6.72 11.17
N LEU A 736 -21.82 -5.56 10.84
CA LEU A 736 -21.10 -4.30 10.99
C LEU A 736 -20.73 -4.04 12.44
N LEU A 737 -21.67 -4.26 13.35
CA LEU A 737 -21.40 -4.02 14.76
C LEU A 737 -20.33 -4.97 15.29
N SER A 738 -20.36 -6.22 14.85
CA SER A 738 -19.34 -7.18 15.26
C SER A 738 -17.98 -6.79 14.72
N GLU A 739 -17.93 -6.28 13.49
CA GLU A 739 -16.65 -5.88 12.91
C GLU A 739 -16.09 -4.62 13.58
N LEU A 740 -16.96 -3.72 14.03
CA LEU A 740 -16.48 -2.51 14.70
C LEU A 740 -15.80 -2.84 16.03
N LEU A 741 -16.45 -3.65 16.86
CA LEU A 741 -15.97 -3.86 18.21
C LEU A 741 -14.69 -4.70 18.23
N PRO A 742 -13.87 -4.57 19.27
CA PRO A 742 -12.63 -5.35 19.34
C PRO A 742 -12.92 -6.83 19.55
N LEU A 743 -11.92 -7.65 19.26
CA LEU A 743 -12.06 -9.08 19.38
C LEU A 743 -12.32 -9.47 20.84
N PRO A 744 -13.07 -10.55 21.07
CA PRO A 744 -13.37 -10.95 22.44
C PRO A 744 -12.12 -11.32 23.20
N LEU A 745 -12.18 -11.15 24.53
CA LEU A 745 -11.05 -11.40 25.41
C LEU A 745 -10.57 -12.84 25.34
N ILE A 758 -0.39 -5.41 25.44
CA ILE A 758 -0.97 -5.44 26.77
C ILE A 758 -1.36 -4.03 27.19
N SER A 759 -0.41 -3.10 27.13
CA SER A 759 -0.70 -1.71 27.50
C SER A 759 -1.71 -1.09 26.55
N VAL A 760 -1.54 -1.32 25.24
CA VAL A 760 -2.47 -0.76 24.27
C VAL A 760 -3.78 -1.54 24.27
N ALA A 761 -3.76 -2.80 24.68
CA ALA A 761 -5.00 -3.59 24.71
C ALA A 761 -5.97 -3.03 25.74
N LEU A 762 -5.49 -2.70 26.93
CA LEU A 762 -6.37 -2.16 27.96
C LEU A 762 -6.74 -0.70 27.68
N ASN A 763 -5.87 0.04 26.99
CA ASN A 763 -6.16 1.44 26.70
C ASN A 763 -7.39 1.56 25.80
N THR A 764 -7.46 0.74 24.76
CA THR A 764 -8.60 0.80 23.84
C THR A 764 -9.84 0.15 24.42
N ARG A 765 -9.67 -0.95 25.15
CA ARG A 765 -10.82 -1.69 25.67
C ARG A 765 -11.61 -0.87 26.68
N LYS A 766 -10.90 -0.17 27.57
CA LYS A 766 -11.59 0.66 28.55
C LYS A 766 -12.11 1.95 27.93
N LEU A 767 -11.44 2.46 26.89
CA LEU A 767 -11.97 3.62 26.17
C LEU A 767 -13.27 3.27 25.47
N TRP A 768 -13.36 2.06 24.93
CA TRP A 768 -14.59 1.63 24.26
C TRP A 768 -15.76 1.60 25.23
N SER A 769 -15.54 1.07 26.44
CA SER A 769 -16.63 0.96 27.40
C SER A 769 -17.09 2.32 27.89
N MET A 770 -16.17 3.29 27.98
CA MET A 770 -16.54 4.62 28.45
C MET A 770 -17.51 5.30 27.49
N HIS A 771 -17.27 5.16 26.18
CA HIS A 771 -18.16 5.76 25.20
C HIS A 771 -19.44 4.97 25.05
N LEU A 772 -19.35 3.63 25.13
CA LEU A 772 -20.53 2.78 25.06
C LEU A 772 -21.50 3.06 26.19
N HIS A 773 -21.01 3.53 27.34
CA HIS A 773 -21.89 3.77 28.48
C HIS A 773 -22.89 4.88 28.19
N VAL A 774 -22.50 5.87 27.38
CA VAL A 774 -23.40 6.99 27.07
C VAL A 774 -24.61 6.51 26.29
N GLN A 775 -24.40 5.65 25.31
CA GLN A 775 -25.49 5.11 24.50
C GLN A 775 -26.12 3.88 25.16
N ALA A 776 -26.50 4.03 26.43
CA ALA A 776 -27.10 2.92 27.16
C ALA A 776 -28.45 2.54 26.58
N LYS A 777 -29.28 3.53 26.24
CA LYS A 777 -30.60 3.24 25.70
C LYS A 777 -30.52 2.63 24.30
N LEU A 778 -29.49 2.99 23.53
CA LEU A 778 -29.37 2.44 22.18
C LEU A 778 -28.89 1.00 22.22
N LEU A 779 -27.91 0.69 23.08
CA LEU A 779 -27.41 -0.67 23.16
C LEU A 779 -28.42 -1.60 23.79
N GLN A 780 -29.19 -1.10 24.76
CA GLN A 780 -30.24 -1.92 25.36
C GLN A 780 -31.35 -2.22 24.37
N GLU A 781 -31.58 -1.32 23.41
CA GLU A 781 -32.62 -1.55 22.42
C GLU A 781 -32.24 -2.65 21.45
N ILE A 782 -30.94 -2.83 21.17
CA ILE A 782 -30.50 -3.89 20.27
C ILE A 782 -30.84 -5.25 20.85
N VAL A 783 -30.56 -5.44 22.14
CA VAL A 783 -30.75 -6.75 22.76
C VAL A 783 -32.23 -7.08 22.86
N ARG A 784 -33.04 -6.12 23.30
CA ARG A 784 -34.47 -6.39 23.51
C ARG A 784 -35.21 -6.59 22.20
N SER A 785 -34.90 -5.77 21.19
CA SER A 785 -35.62 -5.86 19.91
C SER A 785 -35.33 -7.18 19.21
N PHE A 786 -34.06 -7.60 19.19
CA PHE A 786 -33.67 -8.81 18.47
C PHE A 786 -33.87 -10.08 19.30
N SER A 787 -34.30 -9.97 20.55
CA SER A 787 -34.59 -11.16 21.33
C SER A 787 -35.91 -11.81 20.93
N GLY A 788 -36.89 -11.01 20.51
CA GLY A 788 -38.18 -11.53 20.11
C GLY A 788 -38.28 -11.84 18.63
N THR A 789 -37.41 -12.71 18.14
CA THR A 789 -37.46 -13.15 16.76
C THR A 789 -36.87 -14.56 16.66
N THR A 790 -37.23 -15.26 15.59
CA THR A 790 -36.81 -16.64 15.38
C THR A 790 -36.00 -16.73 14.10
N CYS A 791 -34.68 -16.70 14.23
CA CYS A 791 -33.78 -16.86 13.08
C CYS A 791 -32.42 -17.30 13.60
N GLN A 792 -31.94 -18.45 13.15
CA GLN A 792 -30.68 -18.99 13.66
C GLN A 792 -29.49 -18.06 13.41
N PRO A 793 -29.26 -17.54 12.20
CA PRO A 793 -28.13 -16.59 12.05
C PRO A 793 -28.28 -15.34 12.89
N ILE A 794 -29.49 -14.80 13.00
CA ILE A 794 -29.70 -13.61 13.82
C ILE A 794 -29.40 -13.91 15.28
N GLN A 795 -29.88 -15.06 15.78
CA GLN A 795 -29.62 -15.43 17.17
C GLN A 795 -28.13 -15.62 17.43
N HIS A 796 -27.43 -16.29 16.51
CA HIS A 796 -26.00 -16.52 16.70
C HIS A 796 -25.23 -15.20 16.68
N MET A 797 -25.58 -14.28 15.77
CA MET A 797 -24.96 -12.97 15.77
C MET A 797 -25.25 -12.20 17.06
N LEU A 798 -26.48 -12.29 17.56
CA LEU A 798 -26.81 -11.59 18.80
C LEU A 798 -26.00 -12.14 19.97
N ARG A 799 -25.86 -13.47 20.04
CA ARG A 799 -25.05 -14.06 21.12
C ARG A 799 -23.60 -13.64 21.00
N ARG A 800 -23.06 -13.61 19.77
CA ARG A 800 -21.67 -13.20 19.59
C ARG A 800 -21.48 -11.74 20.01
N ILE A 801 -22.42 -10.87 19.65
CA ILE A 801 -22.31 -9.46 20.02
C ILE A 801 -22.39 -9.30 21.53
N CYS A 802 -23.30 -10.03 22.18
CA CYS A 802 -23.39 -9.96 23.64
C CYS A 802 -22.08 -10.41 24.29
N VAL A 803 -21.48 -11.49 23.77
CA VAL A 803 -20.21 -11.97 24.31
C VAL A 803 -19.13 -10.91 24.14
N GLN A 804 -19.06 -10.30 22.96
CA GLN A 804 -18.02 -9.29 22.71
C GLN A 804 -18.18 -8.10 23.64
N LEU A 805 -19.41 -7.60 23.78
CA LEU A 805 -19.64 -6.44 24.63
C LEU A 805 -19.36 -6.76 26.09
N CYS A 806 -19.68 -7.98 26.54
CA CYS A 806 -19.31 -8.38 27.89
C CYS A 806 -17.80 -8.45 28.06
N ASP A 807 -17.09 -8.95 27.04
CA ASP A 807 -15.64 -9.06 27.12
C ASP A 807 -14.94 -7.71 27.05
N LEU A 808 -15.64 -6.65 26.60
CA LEU A 808 -15.01 -5.34 26.54
C LEU A 808 -14.53 -4.90 27.92
N ALA A 809 -15.45 -4.68 28.85
CA ALA A 809 -15.10 -4.26 30.21
C ALA A 809 -16.24 -4.65 31.14
N SER A 810 -16.08 -4.34 32.41
CA SER A 810 -17.01 -4.82 33.43
C SER A 810 -18.35 -4.07 33.43
N PRO A 811 -18.40 -2.73 33.43
CA PRO A 811 -19.72 -2.08 33.56
C PRO A 811 -20.68 -2.43 32.44
N THR A 812 -20.20 -2.55 31.21
CA THR A 812 -21.06 -2.90 30.10
C THR A 812 -21.62 -4.31 30.25
N ALA A 813 -20.79 -5.24 30.71
CA ALA A 813 -21.27 -6.61 30.94
C ALA A 813 -22.35 -6.64 32.00
N LEU A 814 -22.17 -5.89 33.08
CA LEU A 814 -23.20 -5.82 34.12
C LEU A 814 -24.48 -5.21 33.56
N LEU A 815 -24.37 -4.15 32.75
CA LEU A 815 -25.56 -3.53 32.18
C LEU A 815 -26.32 -4.50 31.27
N ILE A 816 -25.58 -5.24 30.43
CA ILE A 816 -26.23 -6.21 29.54
C ILE A 816 -26.90 -7.31 30.35
N MET A 817 -26.26 -7.75 31.43
CA MET A 817 -26.88 -8.79 32.25
C MET A 817 -28.12 -8.25 32.95
N ARG A 818 -28.11 -6.99 33.38
CA ARG A 818 -29.32 -6.39 33.91
C ARG A 818 -30.42 -6.43 32.87
N THR A 819 -30.10 -6.05 31.63
CA THR A 819 -31.12 -6.03 30.58
C THR A 819 -31.70 -7.42 30.33
N VAL A 820 -30.83 -8.42 30.22
CA VAL A 820 -31.28 -9.75 29.86
C VAL A 820 -32.06 -10.40 31.00
N LEU A 821 -31.57 -10.27 32.23
CA LEU A 821 -32.32 -10.81 33.36
C LEU A 821 -33.62 -10.04 33.59
N ASP A 822 -33.66 -8.76 33.23
CA ASP A 822 -34.92 -8.03 33.29
C ASP A 822 -35.89 -8.54 32.24
N LEU A 823 -35.39 -8.92 31.07
CA LEU A 823 -36.24 -9.59 30.09
C LEU A 823 -36.78 -10.91 30.63
N ILE A 824 -35.93 -11.68 31.32
CA ILE A 824 -36.38 -12.90 31.98
C ILE A 824 -37.47 -12.59 32.99
N VAL A 825 -37.26 -11.54 33.79
CA VAL A 825 -38.21 -11.18 34.84
C VAL A 825 -39.55 -10.81 34.26
N GLU A 826 -39.55 -9.98 33.20
CA GLU A 826 -40.81 -9.59 32.58
C GLU A 826 -41.47 -10.77 31.87
N ASP A 827 -40.67 -11.68 31.29
CA ASP A 827 -41.25 -12.85 30.64
C ASP A 827 -41.96 -13.74 31.64
N LEU A 828 -41.35 -13.98 32.80
CA LEU A 828 -42.00 -14.81 33.79
C LEU A 828 -43.08 -14.08 34.59
N GLN A 829 -43.05 -12.74 34.59
CA GLN A 829 -44.13 -11.97 35.20
C GLN A 829 -45.32 -11.81 34.28
N SER A 830 -45.14 -12.01 32.96
CA SER A 830 -46.26 -11.93 32.04
C SER A 830 -47.32 -12.97 32.36
N THR A 831 -46.91 -14.17 32.75
CA THR A 831 -47.84 -15.21 33.18
C THR A 831 -48.37 -14.87 34.56
N SER A 832 -49.70 -14.92 34.72
CA SER A 832 -50.30 -14.64 36.02
C SER A 832 -49.94 -15.74 37.01
N GLU A 833 -49.55 -15.34 38.21
CA GLU A 833 -49.17 -16.30 39.24
C GLU A 833 -50.36 -17.05 39.81
N ASP A 834 -51.57 -16.54 39.61
CA ASP A 834 -52.77 -17.22 40.09
C ASP A 834 -52.95 -18.57 39.40
N LYS A 835 -52.71 -18.63 38.10
CA LYS A 835 -52.86 -19.84 37.33
C LYS A 835 -51.54 -20.60 37.26
N GLU A 836 -51.55 -21.74 36.59
CA GLU A 836 -50.33 -22.52 36.38
C GLU A 836 -49.35 -21.73 35.51
N LYS A 837 -48.07 -21.86 35.84
CA LYS A 837 -47.04 -21.11 35.12
C LYS A 837 -47.00 -21.52 33.67
N GLN A 838 -46.96 -20.52 32.77
CA GLN A 838 -46.97 -20.75 31.34
C GLN A 838 -45.57 -20.57 30.78
N TYR A 839 -45.10 -21.57 30.05
CA TYR A 839 -43.76 -21.56 29.46
C TYR A 839 -43.91 -21.57 27.94
N THR A 840 -43.28 -20.60 27.29
CA THR A 840 -43.37 -20.45 25.83
C THR A 840 -41.99 -20.65 25.22
N SER A 841 -41.98 -20.72 23.88
CA SER A 841 -40.72 -20.88 23.15
C SER A 841 -39.81 -19.68 23.35
N GLN A 842 -40.37 -18.49 23.54
CA GLN A 842 -39.55 -17.32 23.81
C GLN A 842 -38.77 -17.50 25.12
N THR A 843 -39.42 -18.07 26.14
CA THR A 843 -38.73 -18.36 27.38
C THR A 843 -37.60 -19.35 27.17
N THR A 844 -37.84 -20.37 26.34
CA THR A 844 -36.78 -21.35 26.06
C THR A 844 -35.60 -20.68 25.37
N ARG A 845 -35.86 -19.79 24.41
CA ARG A 845 -34.79 -19.06 23.75
C ARG A 845 -34.03 -18.19 24.75
N LEU A 846 -34.74 -17.54 25.65
CA LEU A 846 -34.08 -16.69 26.65
C LEU A 846 -33.19 -17.51 27.58
N LEU A 847 -33.68 -18.66 28.04
CA LEU A 847 -32.85 -19.52 28.88
C LEU A 847 -31.65 -20.05 28.12
N ALA A 848 -31.82 -20.33 26.83
CA ALA A 848 -30.67 -20.71 26.00
C ALA A 848 -29.66 -19.58 25.92
N LEU A 849 -30.14 -18.34 25.82
CA LEU A 849 -29.25 -17.19 25.79
C LEU A 849 -28.48 -17.06 27.11
N LEU A 850 -29.17 -17.25 28.24
CA LEU A 850 -28.47 -17.22 29.53
C LEU A 850 -27.44 -18.34 29.63
N ASP A 851 -27.78 -19.54 29.15
CA ASP A 851 -26.84 -20.65 29.19
C ASP A 851 -25.62 -20.37 28.33
N ALA A 852 -25.83 -19.79 27.14
CA ALA A 852 -24.71 -19.45 26.27
C ALA A 852 -23.83 -18.38 26.88
N LEU A 853 -24.44 -17.36 27.50
CA LEU A 853 -23.66 -16.30 28.11
C LEU A 853 -22.87 -16.80 29.32
N ALA A 854 -23.49 -17.64 30.14
CA ALA A 854 -22.88 -18.08 31.40
C ALA A 854 -21.63 -18.91 31.19
N SER A 855 -21.39 -19.41 29.98
CA SER A 855 -20.21 -20.24 29.74
C SER A 855 -18.91 -19.44 29.79
N HIS A 856 -18.99 -18.12 29.78
CA HIS A 856 -17.80 -17.27 29.73
C HIS A 856 -17.54 -16.66 31.10
N LYS A 857 -16.26 -16.61 31.48
CA LYS A 857 -15.90 -16.13 32.81
C LYS A 857 -16.27 -14.66 33.02
N ALA A 858 -16.08 -13.84 31.98
CA ALA A 858 -16.44 -12.42 32.10
C ALA A 858 -17.93 -12.26 32.38
N CYS A 859 -18.77 -13.05 31.71
CA CYS A 859 -20.20 -13.07 32.02
C CYS A 859 -20.46 -13.75 33.35
N LYS A 860 -19.64 -14.73 33.72
CA LYS A 860 -19.81 -15.45 34.97
C LYS A 860 -19.70 -14.51 36.16
N LEU A 861 -18.70 -13.63 36.17
CA LEU A 861 -18.52 -12.70 37.28
C LEU A 861 -19.69 -11.75 37.40
N ALA A 862 -20.19 -11.24 36.27
CA ALA A 862 -21.35 -10.35 36.31
C ALA A 862 -22.59 -11.08 36.82
N ILE A 863 -22.77 -12.34 36.41
CA ILE A 863 -23.90 -13.12 36.90
C ILE A 863 -23.81 -13.31 38.40
N LEU A 864 -22.62 -13.66 38.90
CA LEU A 864 -22.44 -13.84 40.33
C LEU A 864 -22.70 -12.55 41.09
N HIS A 865 -22.18 -11.43 40.59
CA HIS A 865 -22.36 -10.15 41.27
C HIS A 865 -23.83 -9.76 41.31
N LEU A 866 -24.57 -10.01 40.22
CA LEU A 866 -25.98 -9.65 40.20
C LEU A 866 -26.80 -10.57 41.12
N ILE A 867 -26.52 -11.87 41.11
CA ILE A 867 -27.30 -12.78 41.94
C ILE A 867 -26.93 -12.65 43.42
N ASN A 868 -25.76 -12.10 43.73
CA ASN A 868 -25.37 -11.95 45.13
C ASN A 868 -26.28 -10.97 45.86
N GLY A 869 -26.88 -10.03 45.14
CA GLY A 869 -27.81 -9.10 45.76
C GLY A 869 -27.16 -8.03 46.62
N THR A 870 -25.86 -7.78 46.43
CA THR A 870 -25.18 -6.75 47.20
C THR A 870 -25.74 -5.37 46.89
N ILE A 871 -26.09 -5.12 45.62
CA ILE A 871 -26.62 -3.83 45.22
C ILE A 871 -27.98 -3.62 45.88
N LYS A 872 -28.26 -2.38 46.27
CA LYS A 872 -29.58 -2.05 46.79
C LYS A 872 -30.61 -2.07 45.67
N GLY A 873 -31.80 -2.60 45.96
CA GLY A 873 -32.80 -2.78 44.93
C GLY A 873 -32.56 -3.97 44.03
N ASP A 874 -31.70 -4.91 44.44
CA ASP A 874 -31.33 -6.06 43.64
C ASP A 874 -32.06 -7.32 44.11
N GLU A 875 -33.11 -7.16 44.91
CA GLU A 875 -33.85 -8.31 45.44
C GLU A 875 -34.69 -9.01 44.38
N ARG A 876 -35.08 -8.30 43.31
CA ARG A 876 -35.91 -8.90 42.27
C ARG A 876 -35.18 -10.05 41.58
N TYR A 877 -33.88 -9.91 41.38
CA TYR A 877 -33.12 -10.95 40.70
C TYR A 877 -32.96 -12.18 41.59
N ALA A 878 -32.81 -11.96 42.90
CA ALA A 878 -32.86 -13.07 43.85
C ALA A 878 -34.21 -13.76 43.82
N GLU A 879 -35.30 -12.98 43.74
CA GLU A 879 -36.63 -13.57 43.66
C GLU A 879 -36.80 -14.40 42.39
N ILE A 880 -36.29 -13.92 41.26
CA ILE A 880 -36.45 -14.68 40.03
C ILE A 880 -35.59 -15.94 40.05
N PHE A 881 -34.42 -15.87 40.69
CA PHE A 881 -33.62 -17.09 40.87
C PHE A 881 -34.34 -18.09 41.76
N GLN A 882 -35.01 -17.60 42.82
CA GLN A 882 -35.81 -18.48 43.67
C GLN A 882 -36.96 -19.10 42.90
N ASP A 883 -37.57 -18.34 41.99
CA ASP A 883 -38.62 -18.89 41.14
C ASP A 883 -38.07 -20.00 40.25
N LEU A 884 -36.87 -19.79 39.69
CA LEU A 884 -36.25 -20.85 38.89
C LEU A 884 -35.97 -22.09 39.72
N LEU A 885 -35.47 -21.90 40.95
CA LEU A 885 -35.21 -23.04 41.82
C LEU A 885 -36.49 -23.78 42.17
N ALA A 886 -37.58 -23.05 42.42
CA ALA A 886 -38.86 -23.69 42.69
C ALA A 886 -39.36 -24.46 41.48
N LEU A 887 -39.16 -23.91 40.28
CA LEU A 887 -39.50 -24.63 39.06
C LEU A 887 -38.70 -25.91 38.94
N VAL A 888 -37.41 -25.86 39.29
CA VAL A 888 -36.58 -27.06 39.30
C VAL A 888 -37.14 -28.09 40.27
N ARG A 889 -37.49 -27.64 41.48
CA ARG A 889 -38.02 -28.55 42.49
C ARG A 889 -39.39 -29.11 42.13
N SER A 890 -40.11 -28.46 41.21
CA SER A 890 -41.46 -28.88 40.81
C SER A 890 -41.50 -29.00 39.30
N PRO A 891 -41.02 -30.11 38.74
CA PRO A 891 -41.06 -30.31 37.29
C PRO A 891 -42.46 -30.74 36.86
N GLY A 892 -42.58 -31.05 35.57
CA GLY A 892 -43.85 -31.46 34.99
C GLY A 892 -43.64 -32.50 33.92
N ASP A 893 -44.57 -32.57 32.98
CA ASP A 893 -44.51 -33.51 31.88
C ASP A 893 -44.54 -32.86 30.50
N SER A 894 -44.83 -31.57 30.41
CA SER A 894 -44.87 -30.89 29.13
C SER A 894 -43.48 -30.84 28.49
N VAL A 895 -43.46 -30.90 27.15
CA VAL A 895 -42.20 -30.84 26.43
C VAL A 895 -41.50 -29.50 26.67
N ILE A 896 -42.26 -28.40 26.56
CA ILE A 896 -41.69 -27.08 26.83
C ILE A 896 -41.15 -27.02 28.26
N ARG A 897 -41.87 -27.63 29.20
CA ARG A 897 -41.36 -27.76 30.56
C ARG A 897 -40.05 -28.53 30.57
N GLN A 898 -39.91 -29.53 29.70
CA GLN A 898 -38.68 -30.31 29.65
C GLN A 898 -37.50 -29.46 29.18
N GLN A 899 -37.70 -28.67 28.11
CA GLN A 899 -36.63 -27.77 27.68
C GLN A 899 -36.31 -26.74 28.76
N CYS A 900 -37.34 -26.21 29.43
CA CYS A 900 -37.10 -25.25 30.50
C CYS A 900 -36.26 -25.88 31.61
N VAL A 901 -36.60 -27.10 32.02
CA VAL A 901 -35.87 -27.76 33.10
C VAL A 901 -34.43 -28.02 32.68
N GLU A 902 -34.22 -28.50 31.45
CA GLU A 902 -32.84 -28.80 31.02
C GLU A 902 -32.02 -27.51 30.94
N TYR A 903 -32.62 -26.42 30.43
CA TYR A 903 -31.89 -25.16 30.35
C TYR A 903 -31.54 -24.63 31.74
N VAL A 904 -32.49 -24.70 32.68
CA VAL A 904 -32.21 -24.18 34.01
C VAL A 904 -31.18 -25.05 34.73
N THR A 905 -31.23 -26.37 34.52
CA THR A 905 -30.22 -27.23 35.12
C THR A 905 -28.84 -26.93 34.55
N SER A 906 -28.76 -26.68 33.24
CA SER A 906 -27.48 -26.30 32.66
C SER A 906 -26.98 -24.97 33.22
N ILE A 907 -27.91 -24.02 33.41
CA ILE A 907 -27.54 -22.72 33.99
C ILE A 907 -26.99 -22.91 35.41
N LEU A 908 -27.66 -23.73 36.21
CA LEU A 908 -27.21 -23.98 37.57
C LEU A 908 -25.86 -24.72 37.58
N GLN A 909 -25.67 -25.65 36.64
CA GLN A 909 -24.39 -26.35 36.55
C GLN A 909 -23.27 -25.38 36.22
N SER A 910 -23.51 -24.45 35.29
CA SER A 910 -22.52 -23.43 35.00
C SER A 910 -22.30 -22.50 36.18
N LEU A 911 -23.35 -22.18 36.92
CA LEU A 911 -23.22 -21.28 38.07
C LEU A 911 -22.41 -21.93 39.19
N CYS A 912 -22.57 -23.25 39.38
CA CYS A 912 -21.81 -23.93 40.43
C CYS A 912 -20.31 -23.90 40.15
N ASP A 913 -19.91 -23.92 38.88
CA ASP A 913 -18.51 -23.84 38.52
C ASP A 913 -17.91 -22.48 38.86
N LEU B 193 -29.47 33.03 21.29
CA LEU B 193 -28.99 31.86 21.99
C LEU B 193 -28.03 31.06 21.09
N GLY B 194 -28.41 29.82 20.77
CA GLY B 194 -27.55 28.98 19.96
C GLY B 194 -27.39 29.49 18.54
N ARG B 195 -28.47 30.00 17.95
CA ARG B 195 -28.42 30.49 16.58
C ARG B 195 -27.51 31.71 16.47
N GLN B 196 -27.60 32.64 17.41
CA GLN B 196 -26.72 33.80 17.41
C GLN B 196 -25.26 33.39 17.57
N LEU B 197 -25.00 32.43 18.46
CA LEU B 197 -23.64 31.93 18.63
C LEU B 197 -23.11 31.30 17.35
N SER B 198 -23.95 30.51 16.68
CA SER B 198 -23.54 29.89 15.42
C SER B 198 -23.25 30.94 14.36
N GLN B 199 -24.10 31.97 14.26
CA GLN B 199 -23.89 33.01 13.26
C GLN B 199 -22.61 33.79 13.54
N GLY B 200 -22.36 34.13 14.81
CA GLY B 200 -21.11 34.80 15.15
C GLY B 200 -19.90 33.95 14.85
N ARG B 201 -19.96 32.66 15.20
CA ARG B 201 -18.89 31.74 14.84
C ARG B 201 -18.64 31.78 13.34
N ILE B 202 -19.71 31.62 12.54
CA ILE B 202 -19.60 31.68 11.09
C ILE B 202 -18.84 32.93 10.66
N ALA B 203 -19.38 34.10 11.03
CA ALA B 203 -18.85 35.35 10.50
C ALA B 203 -17.40 35.58 10.93
N GLN B 204 -17.16 35.62 12.25
CA GLN B 204 -15.82 35.94 12.72
C GLN B 204 -14.81 34.88 12.30
N LEU B 205 -15.17 33.59 12.37
CA LEU B 205 -14.25 32.54 11.98
C LEU B 205 -13.88 32.65 10.51
N GLU B 206 -14.88 32.79 9.63
CA GLU B 206 -14.56 32.86 8.21
C GLU B 206 -13.70 34.09 7.92
N ALA B 207 -14.00 35.22 8.56
CA ALA B 207 -13.21 36.42 8.33
C ALA B 207 -11.76 36.22 8.75
N GLU B 208 -11.53 35.71 9.96
CA GLU B 208 -10.15 35.67 10.46
C GLU B 208 -9.35 34.53 9.82
N LEU B 209 -10.00 33.39 9.52
CA LEU B 209 -9.31 32.39 8.72
C LEU B 209 -8.94 32.91 7.33
N ALA B 210 -9.84 33.65 6.68
CA ALA B 210 -9.49 34.22 5.38
C ALA B 210 -8.34 35.21 5.51
N LEU B 211 -8.29 35.93 6.64
CA LEU B 211 -7.20 36.89 6.84
C LEU B 211 -5.87 36.19 7.03
N GLN B 212 -5.81 35.16 7.85
CA GLN B 212 -4.56 34.51 8.22
C GLN B 212 -4.13 33.38 7.28
N LYS B 213 -4.99 32.96 6.35
CA LYS B 213 -4.55 32.00 5.34
C LYS B 213 -3.42 32.58 4.50
N LYS B 214 -3.48 33.89 4.22
CA LYS B 214 -2.44 34.51 3.42
C LYS B 214 -1.09 34.49 4.14
N TYR B 215 -1.08 34.74 5.45
CA TYR B 215 0.18 34.65 6.19
C TYR B 215 0.67 33.22 6.27
N SER B 216 -0.25 32.25 6.34
CA SER B 216 0.18 30.86 6.26
C SER B 216 0.86 30.56 4.92
N GLU B 217 0.28 31.07 3.82
CA GLU B 217 0.92 30.90 2.51
C GLU B 217 2.29 31.57 2.47
N GLU B 218 2.40 32.75 3.07
CA GLU B 218 3.69 33.42 3.15
C GLU B 218 4.71 32.57 3.89
N LEU B 219 4.27 31.92 4.98
CA LEU B 219 5.16 31.03 5.71
C LEU B 219 5.61 29.86 4.84
N LYS B 220 4.69 29.29 4.06
CA LYS B 220 5.07 28.21 3.15
C LYS B 220 6.14 28.68 2.15
N SER B 221 5.93 29.86 1.58
CA SER B 221 6.89 30.39 0.62
C SER B 221 8.25 30.65 1.26
N SER B 222 8.25 31.17 2.49
CA SER B 222 9.51 31.42 3.20
C SER B 222 10.25 30.11 3.44
N GLN B 223 9.53 29.06 3.84
CA GLN B 223 10.18 27.76 4.03
C GLN B 223 10.72 27.20 2.72
N ASP B 224 10.01 27.41 1.62
CA ASP B 224 10.52 26.97 0.32
C ASP B 224 11.82 27.70 -0.03
N GLU B 225 11.87 29.01 0.22
CA GLU B 225 13.09 29.76 -0.03
C GLU B 225 14.23 29.28 0.87
N LEU B 226 13.94 28.99 2.14
CA LEU B 226 14.96 28.48 3.04
C LEU B 226 15.50 27.14 2.54
N ASN B 227 14.61 26.28 2.04
CA ASN B 227 15.04 25.00 1.50
C ASN B 227 15.95 25.21 0.29
N ASP B 228 15.62 26.17 -0.57
CA ASP B 228 16.49 26.48 -1.70
C ASP B 228 17.87 26.91 -1.22
N PHE B 229 17.92 27.81 -0.22
CA PHE B 229 19.19 28.27 0.33
C PHE B 229 20.00 27.10 0.86
N ILE B 230 19.34 26.16 1.54
CA ILE B 230 20.02 24.95 2.02
C ILE B 230 20.57 24.16 0.84
N ILE B 231 19.85 24.13 -0.27
CA ILE B 231 20.33 23.38 -1.44
C ILE B 231 21.66 23.95 -1.93
N GLN B 232 21.73 25.27 -2.11
CA GLN B 232 23.03 25.80 -2.57
C GLN B 232 24.11 25.71 -1.49
N LEU B 233 23.73 25.76 -0.21
CA LEU B 233 24.73 25.54 0.84
C LEU B 233 25.34 24.15 0.73
N ASP B 234 24.50 23.13 0.53
CA ASP B 234 25.00 21.78 0.34
C ASP B 234 25.95 21.72 -0.85
N GLU B 235 25.53 22.29 -1.98
CA GLU B 235 26.36 22.22 -3.18
C GLU B 235 27.73 22.85 -2.95
N GLU B 236 27.76 24.03 -2.33
CA GLU B 236 29.04 24.65 -2.02
C GLU B 236 29.87 23.79 -1.09
N VAL B 237 29.22 23.10 -0.14
CA VAL B 237 29.96 22.29 0.82
C VAL B 237 30.68 21.14 0.11
N GLU B 238 29.98 20.42 -0.78
CA GLU B 238 30.71 19.33 -1.44
C GLU B 238 31.74 19.86 -2.42
N GLY B 239 31.52 21.06 -2.99
CA GLY B 239 32.57 21.66 -3.80
C GLY B 239 33.85 21.88 -3.01
N MET B 240 33.73 22.48 -1.82
CA MET B 240 34.91 22.68 -0.98
C MET B 240 35.52 21.35 -0.57
N GLN B 241 34.69 20.36 -0.27
CA GLN B 241 35.22 19.04 0.09
C GLN B 241 36.08 18.44 -1.01
N SER B 242 35.60 18.45 -2.25
CA SER B 242 36.41 17.93 -3.35
C SER B 242 37.70 18.72 -3.54
N THR B 243 37.61 20.05 -3.50
CA THR B 243 38.82 20.85 -3.69
C THR B 243 39.85 20.56 -2.60
N ILE B 244 39.39 20.44 -1.36
CA ILE B 244 40.31 20.19 -0.25
C ILE B 244 40.94 18.81 -0.37
N LEU B 245 40.16 17.81 -0.81
CA LEU B 245 40.73 16.49 -1.03
C LEU B 245 41.82 16.55 -2.10
N VAL B 246 41.60 17.34 -3.14
CA VAL B 246 42.64 17.55 -4.16
C VAL B 246 43.90 18.12 -3.52
N LEU B 247 43.73 19.13 -2.65
CA LEU B 247 44.89 19.73 -1.99
C LEU B 247 45.65 18.71 -1.15
N GLN B 248 44.94 17.88 -0.39
CA GLN B 248 45.64 16.89 0.42
C GLN B 248 46.39 15.91 -0.45
N GLN B 249 45.78 15.48 -1.56
CA GLN B 249 46.43 14.50 -2.41
C GLN B 249 47.69 15.07 -3.03
N GLN B 250 47.67 16.32 -3.47
CA GLN B 250 48.89 16.89 -4.04
C GLN B 250 49.94 17.12 -2.97
N LEU B 251 49.51 17.44 -1.73
CA LEU B 251 50.46 17.56 -0.63
C LEU B 251 51.15 16.22 -0.37
N LYS B 252 50.38 15.12 -0.34
CA LYS B 252 50.99 13.81 -0.15
C LYS B 252 51.90 13.44 -1.31
N GLU B 253 51.55 13.87 -2.53
CA GLU B 253 52.42 13.62 -3.66
C GLU B 253 53.76 14.34 -3.49
N THR B 254 53.71 15.61 -3.08
CA THR B 254 54.96 16.33 -2.78
C THR B 254 55.73 15.65 -1.67
N ARG B 255 55.01 15.07 -0.70
CA ARG B 255 55.66 14.35 0.39
C ARG B 255 56.44 13.15 -0.13
N GLN B 256 55.78 12.33 -0.95
CA GLN B 256 56.45 11.16 -1.52
C GLN B 256 57.60 11.59 -2.42
N GLN B 257 57.48 12.75 -3.06
CA GLN B 257 58.56 13.23 -3.93
C GLN B 257 59.79 13.63 -3.12
N LEU B 258 59.60 14.43 -2.06
CA LEU B 258 60.75 14.96 -1.34
C LEU B 258 61.49 13.87 -0.56
N ALA B 259 60.75 12.92 0.01
CA ALA B 259 61.36 11.85 0.78
C ALA B 259 61.88 10.74 -0.12
N LEU C 193 -31.35 23.96 8.35
CA LEU C 193 -30.68 24.05 9.64
C LEU C 193 -29.38 24.83 9.54
N GLY C 194 -29.25 25.89 10.34
CA GLY C 194 -28.04 26.68 10.32
C GLY C 194 -26.81 25.93 10.79
N ARG C 195 -26.99 24.99 11.72
CA ARG C 195 -25.86 24.24 12.26
C ARG C 195 -25.16 23.43 11.17
N GLN C 196 -25.93 22.83 10.27
CA GLN C 196 -25.34 22.01 9.22
C GLN C 196 -24.46 22.84 8.30
N LEU C 197 -24.99 23.96 7.81
CA LEU C 197 -24.19 24.82 6.92
C LEU C 197 -23.00 25.42 7.64
N SER C 198 -23.19 25.83 8.90
CA SER C 198 -22.10 26.38 9.69
C SER C 198 -20.96 25.38 9.83
N GLN C 199 -21.29 24.16 10.27
CA GLN C 199 -20.27 23.14 10.44
C GLN C 199 -19.63 22.78 9.10
N GLY C 200 -20.41 22.78 8.01
CA GLY C 200 -19.83 22.45 6.72
C GLY C 200 -18.79 23.47 6.26
N ARG C 201 -19.16 24.76 6.29
CA ARG C 201 -18.22 25.78 5.84
C ARG C 201 -17.00 25.88 6.76
N ILE C 202 -17.24 25.84 8.07
CA ILE C 202 -16.12 25.90 9.00
C ILE C 202 -15.23 24.66 8.84
N ALA C 203 -15.84 23.51 8.58
CA ALA C 203 -15.06 22.30 8.36
C ALA C 203 -14.19 22.41 7.11
N GLN C 204 -14.74 22.94 6.02
CA GLN C 204 -13.94 23.13 4.82
C GLN C 204 -12.74 24.02 5.10
N LEU C 205 -13.00 25.21 5.66
CA LEU C 205 -11.90 26.16 5.86
C LEU C 205 -10.89 25.66 6.89
N GLU C 206 -11.37 25.09 8.00
CA GLU C 206 -10.45 24.63 9.03
C GLU C 206 -9.71 23.36 8.60
N ALA C 207 -10.30 22.55 7.73
CA ALA C 207 -9.57 21.43 7.16
C ALA C 207 -8.44 21.94 6.28
N GLU C 208 -8.70 22.98 5.49
CA GLU C 208 -7.62 23.62 4.72
C GLU C 208 -6.51 24.10 5.66
N LEU C 209 -6.89 24.78 6.75
CA LEU C 209 -5.89 25.28 7.68
C LEU C 209 -5.09 24.16 8.34
N ALA C 210 -5.77 23.10 8.79
CA ALA C 210 -5.08 22.02 9.47
C ALA C 210 -4.11 21.30 8.54
N LEU C 211 -4.54 21.05 7.30
CA LEU C 211 -3.65 20.40 6.34
C LEU C 211 -2.46 21.29 6.01
N GLN C 212 -2.70 22.60 5.87
CA GLN C 212 -1.60 23.53 5.64
C GLN C 212 -0.59 23.52 6.79
N LYS C 213 -1.10 23.56 8.03
CA LYS C 213 -0.21 23.57 9.18
C LYS C 213 0.58 22.28 9.29
N LYS C 214 -0.08 21.14 9.01
CA LYS C 214 0.67 19.88 8.96
C LYS C 214 1.80 19.96 7.94
N TYR C 215 1.47 20.33 6.70
CA TYR C 215 2.49 20.48 5.66
C TYR C 215 3.67 21.30 6.17
N SER C 216 3.38 22.38 6.90
CA SER C 216 4.45 23.15 7.52
C SER C 216 5.26 22.33 8.52
N GLU C 217 4.59 21.52 9.36
CA GLU C 217 5.33 20.77 10.37
C GLU C 217 6.27 19.74 9.76
N GLU C 218 5.79 18.91 8.83
CA GLU C 218 6.73 17.98 8.24
C GLU C 218 7.60 18.59 7.14
N LEU C 219 7.45 19.87 6.82
CA LEU C 219 8.53 20.54 6.10
C LEU C 219 9.62 21.04 7.07
N LYS C 220 9.22 21.63 8.19
CA LYS C 220 10.17 22.14 9.17
C LYS C 220 11.02 21.03 9.78
N SER C 221 10.41 19.88 10.09
CA SER C 221 11.18 18.79 10.67
C SER C 221 12.28 18.32 9.72
N SER C 222 11.94 18.16 8.44
CA SER C 222 12.93 17.78 7.45
C SER C 222 14.01 18.83 7.31
N GLN C 223 13.63 20.11 7.35
CA GLN C 223 14.63 21.17 7.26
C GLN C 223 15.58 21.14 8.45
N ASP C 224 15.06 20.88 9.65
CA ASP C 224 15.92 20.78 10.82
C ASP C 224 16.91 19.62 10.71
N GLU C 225 16.42 18.46 10.25
CA GLU C 225 17.31 17.32 10.08
C GLU C 225 18.37 17.60 9.02
N LEU C 226 17.98 18.28 7.94
CA LEU C 226 18.95 18.63 6.91
C LEU C 226 19.99 19.62 7.44
N ASN C 227 19.57 20.54 8.31
CA ASN C 227 20.54 21.42 8.97
C ASN C 227 21.51 20.62 9.82
N ASP C 228 21.02 19.59 10.51
CA ASP C 228 21.92 18.73 11.29
C ASP C 228 22.94 18.04 10.39
N PHE C 229 22.48 17.53 9.25
CA PHE C 229 23.41 16.90 8.31
C PHE C 229 24.42 17.91 7.78
N ILE C 230 24.00 19.15 7.56
CA ILE C 230 24.93 20.20 7.15
C ILE C 230 25.96 20.44 8.24
N ILE C 231 25.55 20.41 9.51
CA ILE C 231 26.48 20.57 10.61
C ILE C 231 27.52 19.45 10.60
N GLN C 232 27.08 18.23 10.31
CA GLN C 232 28.02 17.12 10.17
C GLN C 232 29.03 17.38 9.06
N LEU C 233 28.54 17.88 7.92
CA LEU C 233 29.43 18.19 6.80
C LEU C 233 30.44 19.26 7.19
N ASP C 234 29.99 20.27 7.94
CA ASP C 234 30.91 21.31 8.40
C ASP C 234 31.95 20.75 9.36
N GLU C 235 31.56 19.83 10.24
CA GLU C 235 32.54 19.20 11.12
C GLU C 235 33.61 18.47 10.31
N GLU C 236 33.17 17.75 9.27
CA GLU C 236 34.14 17.11 8.37
C GLU C 236 35.06 18.15 7.74
N VAL C 237 34.50 19.27 7.29
CA VAL C 237 35.29 20.31 6.64
C VAL C 237 36.34 20.86 7.59
N GLU C 238 35.95 21.16 8.83
CA GLU C 238 36.91 21.71 9.79
C GLU C 238 38.01 20.71 10.13
N GLY C 239 37.66 19.44 10.33
CA GLY C 239 38.70 18.44 10.61
C GLY C 239 39.66 18.29 9.45
N MET C 240 39.12 18.37 8.23
CA MET C 240 39.94 18.21 7.04
C MET C 240 40.86 19.41 6.83
N GLN C 241 40.37 20.61 7.11
CA GLN C 241 41.25 21.79 7.11
C GLN C 241 42.31 21.67 8.20
N SER C 242 41.97 21.06 9.33
CA SER C 242 42.95 20.86 10.40
C SER C 242 44.10 19.96 9.94
N THR C 243 43.76 18.87 9.25
CA THR C 243 44.85 18.02 8.76
C THR C 243 45.63 18.71 7.64
N ILE C 244 44.98 19.58 6.86
CA ILE C 244 45.73 20.42 5.92
C ILE C 244 46.78 21.24 6.67
N LEU C 245 46.35 21.89 7.75
CA LEU C 245 47.25 22.75 8.50
C LEU C 245 48.42 21.95 9.08
N VAL C 246 48.12 20.77 9.62
CA VAL C 246 49.19 19.94 10.20
C VAL C 246 50.19 19.55 9.13
N LEU C 247 49.70 19.08 7.98
CA LEU C 247 50.61 18.64 6.93
C LEU C 247 51.42 19.81 6.37
N GLN C 248 50.80 20.99 6.22
CA GLN C 248 51.53 22.14 5.73
C GLN C 248 52.60 22.61 6.72
N GLN C 249 52.28 22.59 8.00
CA GLN C 249 53.28 22.92 9.02
C GLN C 249 54.48 21.97 8.91
N GLN C 250 54.21 20.67 8.81
CA GLN C 250 55.33 19.72 8.71
C GLN C 250 56.07 19.92 7.39
N LEU C 251 55.35 20.42 6.36
CA LEU C 251 56.02 20.83 5.13
C LEU C 251 57.06 21.92 5.41
N LYS C 252 56.68 22.93 6.19
CA LYS C 252 57.65 23.99 6.51
C LYS C 252 58.83 23.43 7.29
N GLU C 253 58.58 22.54 8.26
CA GLU C 253 59.72 21.96 8.96
C GLU C 253 60.66 21.18 8.04
N THR C 254 60.12 20.36 7.14
CA THR C 254 61.05 19.62 6.27
C THR C 254 61.73 20.55 5.27
N ARG C 255 61.07 21.64 4.87
CA ARG C 255 61.70 22.61 3.98
C ARG C 255 62.87 23.29 4.66
N GLN C 256 62.71 23.70 5.92
CA GLN C 256 63.82 24.29 6.64
C GLN C 256 64.90 23.25 6.93
N GLN C 257 64.52 21.97 7.06
CA GLN C 257 65.51 20.92 7.19
C GLN C 257 66.35 20.80 5.93
N LEU C 258 65.70 20.85 4.75
CA LEU C 258 66.43 20.66 3.50
C LEU C 258 67.43 21.79 3.27
N ALA C 259 67.03 23.02 3.55
CA ALA C 259 67.88 24.20 3.34
C ALA C 259 68.42 24.28 1.92
#